data_1YA0
#
_entry.id   1YA0
#
_cell.length_a   64.018
_cell.length_b   100.0497
_cell.length_c   208.6214
_cell.angle_alpha   90.00
_cell.angle_beta   90.00
_cell.angle_gamma   90.00
#
_symmetry.space_group_name_H-M   'P 21 21 21'
#
loop_
_entity.id
_entity.type
_entity.pdbx_description
1 polymer 'SMG-7 transcript variant 2'
2 non-polymer 'SULFATE ION'
3 water water
#
_entity_poly.entity_id   1
_entity_poly.type   'polypeptide(L)'
_entity_poly.pdbx_seq_one_letter_code
;MSLQSAQYLRQAEVLKADMTDSKLGPAEVWTSRQALQDLYQKMLVTDLEYALDKKVEQDLWNHAFKNQITTLQGQAKNRA
NPNRSEVQANLSLFLEAASGFYTQLLQELCTVFNVDLPCRVKSSQLGIISNKQTHTSAIVKPQSSSCSYICQHCLVHLGD
IARYRNQTSQAESYYRHAAQLVPSNGQPYNQLAILASSKGDHLTTIFYYCRSIAVKFPFPAASTNLQKALSKALESRDEV
KTKWGVSDFIKAFIKFHGHVYLSKSLEKLSPLREKLEEQFKELLFQKAFNSQQLVHVTVINLFQLHHLRDFSNETEQHTY
SQDEQLCWTQLLALFMSFLGILCKCPLQNESQEESYNAYPLPAVKVSMDWLRLRPRVFQEAVVDERQYIWPWLISLLNSF
HPHEEDLSSISATPLPEEFELQGFLALRPSFRNLDFSKGHQGITGDKEGQQRRIRQQRLISIGKWIADNQPRLIQCENEV
GKLLFITEIPELILEDP
;
_entity_poly.pdbx_strand_id   A,B
#
loop_
_chem_comp.id
_chem_comp.type
_chem_comp.name
_chem_comp.formula
SO4 non-polymer 'SULFATE ION' 'O4 S -2'
#
# COMPACT_ATOMS: atom_id res chain seq x y z
N MET A 1 53.53 20.14 -32.15
CA MET A 1 52.49 21.17 -31.90
C MET A 1 51.33 20.99 -32.86
N SER A 2 50.27 21.72 -32.57
CA SER A 2 49.05 21.67 -33.33
C SER A 2 49.28 21.77 -34.82
N LEU A 3 50.50 22.11 -35.21
CA LEU A 3 50.80 22.25 -36.62
C LEU A 3 51.23 20.97 -37.34
N GLN A 4 51.86 20.05 -36.60
CA GLN A 4 52.33 18.78 -37.18
C GLN A 4 51.16 17.81 -37.31
N SER A 5 50.16 18.00 -36.45
CA SER A 5 48.99 17.15 -36.46
C SER A 5 48.20 17.35 -37.73
N ALA A 6 47.97 18.60 -38.08
CA ALA A 6 47.20 18.91 -39.29
C ALA A 6 47.76 18.06 -40.42
N GLN A 7 49.08 18.02 -40.51
CA GLN A 7 49.78 17.26 -41.53
C GLN A 7 49.54 15.78 -41.29
N TYR A 8 49.65 15.35 -40.03
CA TYR A 8 49.44 13.95 -39.66
C TYR A 8 48.00 13.50 -39.92
N LEU A 9 47.05 14.43 -39.71
CA LEU A 9 45.59 14.22 -39.91
C LEU A 9 45.19 14.18 -41.39
N ARG A 10 45.70 15.11 -42.18
CA ARG A 10 45.38 15.15 -43.61
C ARG A 10 45.97 13.88 -44.19
N GLN A 11 47.14 13.53 -43.69
CA GLN A 11 47.85 12.32 -44.09
C GLN A 11 46.93 11.12 -43.82
N ALA A 12 46.30 11.11 -42.65
CA ALA A 12 45.42 10.03 -42.23
C ALA A 12 44.18 9.85 -43.12
N GLU A 13 43.51 10.96 -43.44
CA GLU A 13 42.32 10.90 -44.29
C GLU A 13 42.69 10.32 -45.64
N VAL A 14 43.93 10.54 -46.04
CA VAL A 14 44.44 10.04 -47.32
C VAL A 14 44.52 8.52 -47.26
N LEU A 15 44.77 7.98 -46.08
CA LEU A 15 44.86 6.54 -45.91
C LEU A 15 43.48 5.93 -45.63
N LYS A 16 42.62 6.70 -44.98
CA LYS A 16 41.29 6.23 -44.66
C LYS A 16 40.52 5.81 -45.92
N ALA A 17 40.17 6.80 -46.75
CA ALA A 17 39.44 6.52 -47.98
C ALA A 17 40.17 5.48 -48.83
N ASP A 18 41.44 5.26 -48.54
CA ASP A 18 42.23 4.27 -49.27
C ASP A 18 41.65 2.89 -49.01
N MET A 19 41.25 2.65 -47.78
CA MET A 19 40.69 1.41 -47.31
C MET A 19 39.33 1.15 -47.92
N THR A 20 38.79 2.12 -48.67
CA THR A 20 37.52 1.97 -49.32
C THR A 20 37.82 1.55 -50.72
N ASP A 21 38.96 2.06 -51.16
CA ASP A 21 39.43 1.93 -52.50
C ASP A 21 39.09 0.64 -53.19
N SER A 22 38.55 1.01 -54.31
CA SER A 22 38.03 0.29 -55.47
C SER A 22 39.15 0.25 -56.50
N LYS A 23 40.10 1.18 -56.30
CA LYS A 23 41.29 1.41 -57.19
C LYS A 23 42.63 0.85 -56.69
N LEU A 24 42.67 0.38 -55.43
CA LEU A 24 43.88 -0.20 -54.82
C LEU A 24 43.62 -1.70 -54.61
N GLY A 25 44.66 -2.49 -54.82
CA GLY A 25 44.56 -3.98 -54.82
C GLY A 25 44.05 -4.79 -53.58
N PRO A 26 44.42 -6.08 -53.57
CA PRO A 26 44.14 -6.99 -52.46
C PRO A 26 45.14 -6.82 -51.33
N ALA A 27 46.33 -6.32 -51.68
CA ALA A 27 47.40 -6.14 -50.70
C ALA A 27 48.16 -4.83 -50.87
N GLU A 28 47.41 -3.73 -50.93
CA GLU A 28 47.94 -2.37 -51.03
C GLU A 28 46.93 -1.70 -50.11
N VAL A 29 45.95 -2.52 -49.75
CA VAL A 29 44.88 -2.16 -48.83
C VAL A 29 45.47 -2.34 -47.43
N TRP A 30 46.18 -3.44 -47.26
CA TRP A 30 46.83 -3.75 -45.99
C TRP A 30 48.05 -2.90 -45.72
N THR A 31 48.82 -2.63 -46.77
CA THR A 31 49.99 -1.79 -46.62
C THR A 31 49.50 -0.42 -46.19
N SER A 32 48.21 -0.18 -46.41
CA SER A 32 47.59 1.09 -46.05
C SER A 32 47.00 1.02 -44.65
N ARG A 33 46.50 -0.14 -44.27
CA ARG A 33 45.93 -0.31 -42.94
C ARG A 33 47.01 -0.17 -41.85
N GLN A 34 48.18 -0.71 -42.14
CA GLN A 34 49.31 -0.65 -41.23
C GLN A 34 49.76 0.79 -41.02
N ALA A 35 49.79 1.55 -42.12
CA ALA A 35 50.20 2.94 -42.13
C ALA A 35 49.25 3.76 -41.28
N LEU A 36 47.96 3.57 -41.52
CA LEU A 36 46.93 4.28 -40.78
C LEU A 36 47.22 4.04 -39.29
N GLN A 37 47.29 2.75 -38.94
CA GLN A 37 47.57 2.30 -37.59
C GLN A 37 48.75 3.03 -36.97
N ASP A 38 49.85 3.11 -37.71
CA ASP A 38 51.06 3.79 -37.25
C ASP A 38 50.85 5.28 -37.10
N LEU A 39 50.23 5.89 -38.11
CA LEU A 39 49.97 7.33 -38.10
C LEU A 39 49.13 7.71 -36.89
N TYR A 40 48.03 6.98 -36.71
CA TYR A 40 47.14 7.21 -35.59
C TYR A 40 47.88 7.06 -34.26
N GLN A 41 48.75 6.06 -34.16
CA GLN A 41 49.47 5.86 -32.91
C GLN A 41 50.40 7.03 -32.62
N LYS A 42 51.01 7.59 -33.66
CA LYS A 42 51.92 8.71 -33.46
C LYS A 42 51.16 9.93 -32.93
N MET A 43 50.00 10.18 -33.50
CA MET A 43 49.19 11.32 -33.09
C MET A 43 48.75 11.20 -31.63
N LEU A 44 48.14 10.06 -31.30
CA LEU A 44 47.67 9.81 -29.95
C LEU A 44 48.79 9.98 -28.94
N VAL A 45 50.00 9.68 -29.37
CA VAL A 45 51.16 9.78 -28.49
C VAL A 45 51.82 11.16 -28.58
N THR A 46 51.58 11.86 -29.68
CA THR A 46 52.17 13.17 -29.91
C THR A 46 51.31 14.35 -29.47
N ASP A 47 50.01 14.26 -29.71
CA ASP A 47 49.09 15.33 -29.34
C ASP A 47 47.73 14.70 -29.07
N LEU A 48 47.62 14.08 -27.90
CA LEU A 48 46.41 13.39 -27.48
C LEU A 48 45.16 14.25 -27.59
N GLU A 49 45.30 15.53 -27.25
CA GLU A 49 44.19 16.49 -27.30
C GLU A 49 43.66 16.66 -28.71
N TYR A 50 44.57 17.09 -29.59
CA TYR A 50 44.23 17.28 -31.01
C TYR A 50 43.69 15.97 -31.57
N ALA A 51 44.23 14.84 -31.10
CA ALA A 51 43.86 13.47 -31.53
C ALA A 51 42.42 13.12 -31.16
N LEU A 52 42.07 13.28 -29.89
CA LEU A 52 40.73 12.97 -29.40
C LEU A 52 39.66 13.77 -30.13
N ASP A 53 39.92 15.06 -30.31
CA ASP A 53 38.97 15.92 -31.00
C ASP A 53 38.64 15.37 -32.38
N LYS A 54 39.68 15.07 -33.16
CA LYS A 54 39.48 14.53 -34.49
C LYS A 54 38.89 13.13 -34.42
N LYS A 55 38.87 12.57 -33.21
CA LYS A 55 38.35 11.24 -32.96
C LYS A 55 39.21 10.15 -33.58
N VAL A 56 40.52 10.30 -33.44
CA VAL A 56 41.48 9.33 -33.96
C VAL A 56 41.13 7.94 -33.40
N GLU A 57 41.09 7.87 -32.08
CA GLU A 57 40.76 6.68 -31.32
C GLU A 57 39.70 5.80 -31.98
N GLN A 58 38.63 6.43 -32.42
CA GLN A 58 37.51 5.73 -33.04
C GLN A 58 37.75 5.33 -34.49
N ASP A 59 38.42 6.20 -35.24
CA ASP A 59 38.73 5.90 -36.63
C ASP A 59 39.79 4.81 -36.66
N LEU A 60 40.65 4.79 -35.64
CA LEU A 60 41.69 3.80 -35.52
C LEU A 60 41.07 2.41 -35.34
N TRP A 61 40.02 2.34 -34.55
CA TRP A 61 39.36 1.07 -34.26
C TRP A 61 38.46 0.57 -35.37
N ASN A 62 37.63 1.46 -35.88
CA ASN A 62 36.70 1.09 -36.93
C ASN A 62 37.37 0.77 -38.25
N HIS A 63 38.11 1.75 -38.77
CA HIS A 63 38.77 1.58 -40.04
C HIS A 63 39.96 0.65 -40.01
N ALA A 64 40.71 0.64 -38.91
CA ALA A 64 41.88 -0.22 -38.83
C ALA A 64 41.65 -1.62 -38.28
N PHE A 65 40.57 -1.84 -37.54
CA PHE A 65 40.34 -3.18 -36.98
C PHE A 65 38.95 -3.76 -37.16
N LYS A 66 37.95 -3.07 -36.62
CA LYS A 66 36.56 -3.52 -36.66
C LYS A 66 36.06 -3.92 -38.04
N ASN A 67 36.27 -3.05 -39.02
CA ASN A 67 35.83 -3.36 -40.38
C ASN A 67 36.38 -4.70 -40.82
N GLN A 68 37.69 -4.87 -40.63
CA GLN A 68 38.37 -6.10 -41.00
C GLN A 68 37.88 -7.30 -40.18
N ILE A 69 37.77 -7.12 -38.87
CA ILE A 69 37.30 -8.19 -38.02
C ILE A 69 35.91 -8.66 -38.42
N THR A 70 35.00 -7.73 -38.68
CA THR A 70 33.65 -8.13 -39.08
C THR A 70 33.71 -8.85 -40.44
N THR A 71 34.37 -8.23 -41.40
CA THR A 71 34.51 -8.83 -42.73
C THR A 71 35.10 -10.22 -42.55
N LEU A 72 36.15 -10.33 -41.75
CA LEU A 72 36.79 -11.61 -41.50
C LEU A 72 35.88 -12.59 -40.76
N GLN A 73 35.20 -12.15 -39.71
CA GLN A 73 34.30 -13.04 -38.98
C GLN A 73 33.29 -13.58 -39.97
N GLY A 74 32.87 -12.72 -40.89
CA GLY A 74 31.90 -13.10 -41.90
C GLY A 74 32.41 -14.20 -42.80
N GLN A 75 33.45 -13.89 -43.56
CA GLN A 75 34.02 -14.88 -44.48
C GLN A 75 34.45 -16.17 -43.82
N ALA A 76 34.76 -16.10 -42.54
CA ALA A 76 35.23 -17.27 -41.81
C ALA A 76 34.11 -18.02 -41.13
N LYS A 77 32.94 -17.35 -40.96
CA LYS A 77 31.78 -17.95 -40.31
C LYS A 77 30.82 -18.53 -41.41
N ASN A 78 31.12 -19.77 -41.79
CA ASN A 78 30.51 -20.60 -42.84
C ASN A 78 29.42 -19.91 -43.72
N ARG A 79 29.79 -19.90 -44.99
CA ARG A 79 29.34 -19.39 -46.26
C ARG A 79 29.76 -20.37 -47.34
N ALA A 80 29.88 -21.63 -46.96
CA ALA A 80 30.38 -22.56 -47.94
C ALA A 80 31.68 -21.88 -48.34
N ASN A 81 32.52 -21.64 -47.34
CA ASN A 81 33.80 -20.99 -47.54
C ASN A 81 34.75 -21.87 -48.33
N PRO A 82 35.30 -21.33 -49.44
CA PRO A 82 36.22 -22.11 -50.27
C PRO A 82 37.21 -22.77 -49.30
N ASN A 83 38.15 -22.07 -48.76
CA ASN A 83 38.91 -22.42 -47.58
C ASN A 83 38.52 -21.54 -46.41
N ARG A 84 37.90 -22.12 -45.40
CA ARG A 84 37.44 -21.37 -44.24
C ARG A 84 38.27 -21.70 -43.01
N SER A 85 39.17 -22.61 -43.00
CA SER A 85 40.23 -22.76 -42.03
C SER A 85 41.29 -21.68 -42.29
N GLU A 86 41.56 -21.41 -43.57
CA GLU A 86 42.54 -20.42 -43.96
C GLU A 86 42.13 -19.04 -43.46
N VAL A 87 40.86 -18.71 -43.64
CA VAL A 87 40.31 -17.43 -43.20
C VAL A 87 40.24 -17.37 -41.67
N GLN A 88 39.77 -18.46 -41.07
CA GLN A 88 39.67 -18.54 -39.61
C GLN A 88 41.06 -18.34 -39.00
N ALA A 89 42.06 -18.83 -39.71
CA ALA A 89 43.43 -18.72 -39.24
C ALA A 89 43.89 -17.26 -39.28
N ASN A 90 43.59 -16.58 -40.37
CA ASN A 90 43.99 -15.19 -40.51
C ASN A 90 43.29 -14.30 -39.50
N LEU A 91 41.99 -14.55 -39.32
CA LEU A 91 41.19 -13.81 -38.36
C LEU A 91 41.88 -13.99 -37.02
N SER A 92 42.30 -15.22 -36.76
CA SER A 92 42.99 -15.56 -35.53
C SER A 92 44.30 -14.76 -35.41
N LEU A 93 45.11 -14.73 -36.45
CA LEU A 93 46.36 -13.96 -36.40
C LEU A 93 46.04 -12.47 -36.27
N PHE A 94 45.02 -12.02 -36.99
CA PHE A 94 44.64 -10.61 -36.96
C PHE A 94 44.27 -10.17 -35.55
N LEU A 95 43.43 -10.95 -34.88
CA LEU A 95 43.01 -10.64 -33.52
C LEU A 95 44.21 -10.68 -32.60
N GLU A 96 45.04 -11.71 -32.76
CA GLU A 96 46.25 -11.84 -31.94
C GLU A 96 47.06 -10.56 -32.11
N ALA A 97 47.24 -10.13 -33.35
CA ALA A 97 48.01 -8.90 -33.62
C ALA A 97 47.31 -7.67 -33.04
N ALA A 98 46.00 -7.56 -33.24
CA ALA A 98 45.25 -6.43 -32.73
C ALA A 98 45.47 -6.29 -31.23
N SER A 99 45.41 -7.41 -30.53
CA SER A 99 45.63 -7.41 -29.09
C SER A 99 47.01 -6.86 -28.79
N GLY A 100 48.00 -7.27 -29.59
CA GLY A 100 49.36 -6.81 -29.41
C GLY A 100 49.48 -5.32 -29.65
N PHE A 101 48.79 -4.82 -30.67
CA PHE A 101 48.82 -3.40 -30.95
C PHE A 101 48.33 -2.58 -29.77
N TYR A 102 47.15 -2.93 -29.23
CA TYR A 102 46.60 -2.16 -28.11
C TYR A 102 47.36 -2.32 -26.81
N THR A 103 47.92 -3.49 -26.56
CA THR A 103 48.68 -3.68 -25.33
C THR A 103 49.83 -2.69 -25.39
N GLN A 104 50.48 -2.65 -26.56
CA GLN A 104 51.60 -1.75 -26.79
C GLN A 104 51.16 -0.30 -26.67
N LEU A 105 50.03 0.04 -27.29
CA LEU A 105 49.51 1.40 -27.27
C LEU A 105 49.23 1.84 -25.84
N LEU A 106 48.65 0.94 -25.06
CA LEU A 106 48.32 1.24 -23.68
C LEU A 106 49.61 1.57 -22.94
N GLN A 107 50.55 0.64 -22.96
CA GLN A 107 51.82 0.84 -22.27
C GLN A 107 52.50 2.13 -22.68
N GLU A 108 52.36 2.52 -23.95
CA GLU A 108 53.00 3.75 -24.40
C GLU A 108 52.30 4.98 -23.82
N LEU A 109 50.99 5.06 -24.01
CA LEU A 109 50.22 6.19 -23.52
C LEU A 109 50.15 6.35 -22.01
N CYS A 110 49.95 5.25 -21.27
CA CYS A 110 49.87 5.35 -19.82
C CYS A 110 51.18 5.05 -19.10
N THR A 111 52.29 5.37 -19.76
CA THR A 111 53.61 5.16 -19.18
C THR A 111 54.62 6.17 -19.72
N GLN A 143 45.62 12.30 -13.31
CA GLN A 143 44.91 13.56 -13.23
C GLN A 143 44.23 13.92 -14.55
N SER A 144 44.92 13.66 -15.65
CA SER A 144 44.37 13.98 -16.95
C SER A 144 43.11 13.17 -17.18
N SER A 145 42.10 13.78 -17.79
CA SER A 145 40.87 13.05 -18.02
C SER A 145 41.00 12.45 -19.40
N SER A 146 41.63 13.20 -20.29
CA SER A 146 41.83 12.73 -21.65
C SER A 146 42.76 11.52 -21.59
N CYS A 147 43.70 11.52 -20.65
CA CYS A 147 44.61 10.39 -20.54
C CYS A 147 43.82 9.19 -20.04
N SER A 148 43.15 9.37 -18.91
CA SER A 148 42.34 8.31 -18.32
C SER A 148 41.35 7.81 -19.36
N TYR A 149 40.87 8.72 -20.20
CA TYR A 149 39.92 8.34 -21.22
C TYR A 149 40.49 7.36 -22.22
N ILE A 150 41.51 7.79 -22.97
CA ILE A 150 42.08 6.93 -23.99
C ILE A 150 42.56 5.62 -23.42
N CYS A 151 43.04 5.64 -22.18
CA CYS A 151 43.47 4.40 -21.56
C CYS A 151 42.24 3.51 -21.39
N GLN A 152 41.10 4.12 -21.07
CA GLN A 152 39.86 3.36 -20.92
C GLN A 152 39.49 2.85 -22.30
N HIS A 153 39.61 3.72 -23.29
CA HIS A 153 39.27 3.35 -24.65
C HIS A 153 40.12 2.16 -25.10
N CYS A 154 41.38 2.13 -24.69
CA CYS A 154 42.25 1.02 -25.05
C CYS A 154 41.85 -0.27 -24.35
N LEU A 155 41.57 -0.18 -23.05
CA LEU A 155 41.16 -1.35 -22.28
C LEU A 155 39.90 -1.96 -22.87
N VAL A 156 38.94 -1.10 -23.23
CA VAL A 156 37.70 -1.57 -23.81
C VAL A 156 37.91 -2.42 -25.05
N HIS A 157 38.56 -1.86 -26.06
CA HIS A 157 38.76 -2.62 -27.28
C HIS A 157 39.61 -3.85 -27.06
N LEU A 158 40.55 -3.72 -26.13
CA LEU A 158 41.41 -4.82 -25.77
C LEU A 158 40.47 -5.87 -25.18
N GLY A 159 39.32 -5.41 -24.70
CA GLY A 159 38.33 -6.30 -24.14
C GLY A 159 37.49 -6.90 -25.26
N ASP A 160 37.13 -6.09 -26.26
CA ASP A 160 36.35 -6.59 -27.38
C ASP A 160 37.14 -7.67 -28.12
N ILE A 161 38.43 -7.44 -28.31
CA ILE A 161 39.27 -8.42 -28.99
C ILE A 161 39.30 -9.74 -28.23
N ALA A 162 39.48 -9.67 -26.92
CA ALA A 162 39.50 -10.89 -26.10
C ALA A 162 38.19 -11.65 -26.35
N ARG A 163 37.09 -10.91 -26.32
CA ARG A 163 35.77 -11.47 -26.54
C ARG A 163 35.79 -12.16 -27.92
N TYR A 164 36.27 -11.42 -28.92
CA TYR A 164 36.35 -11.96 -30.28
C TYR A 164 37.17 -13.23 -30.29
N ARG A 165 38.23 -13.27 -29.48
CA ARG A 165 39.09 -14.45 -29.39
C ARG A 165 38.55 -15.40 -28.33
N ASN A 166 37.25 -15.34 -28.09
CA ASN A 166 36.59 -16.17 -27.09
C ASN A 166 37.34 -16.31 -25.76
N GLN A 167 38.01 -15.26 -25.31
CA GLN A 167 38.73 -15.28 -24.03
C GLN A 167 37.86 -14.55 -23.01
N THR A 168 36.70 -15.14 -22.70
CA THR A 168 35.74 -14.56 -21.76
C THR A 168 36.28 -13.96 -20.47
N SER A 169 37.15 -14.67 -19.76
CA SER A 169 37.67 -14.13 -18.50
C SER A 169 38.43 -12.83 -18.72
N GLN A 170 39.44 -12.87 -19.59
CA GLN A 170 40.25 -11.69 -19.88
C GLN A 170 39.40 -10.56 -20.47
N ALA A 171 38.42 -10.90 -21.29
CA ALA A 171 37.56 -9.87 -21.85
C ALA A 171 36.86 -9.15 -20.70
N GLU A 172 36.41 -9.91 -19.71
CA GLU A 172 35.73 -9.34 -18.57
C GLU A 172 36.67 -8.48 -17.77
N SER A 173 37.81 -9.05 -17.41
CA SER A 173 38.80 -8.32 -16.65
C SER A 173 39.12 -6.99 -17.31
N TYR A 174 39.28 -7.00 -18.63
CA TYR A 174 39.59 -5.80 -19.37
C TYR A 174 38.47 -4.77 -19.23
N TYR A 175 37.23 -5.20 -19.52
CA TYR A 175 36.07 -4.31 -19.44
C TYR A 175 35.93 -3.73 -18.03
N ARG A 176 36.20 -4.54 -17.01
CA ARG A 176 36.10 -4.07 -15.63
C ARG A 176 37.09 -2.92 -15.48
N HIS A 177 38.37 -3.24 -15.63
CA HIS A 177 39.46 -2.27 -15.54
C HIS A 177 39.11 -1.00 -16.31
N ALA A 178 38.53 -1.17 -17.49
CA ALA A 178 38.15 -0.03 -18.30
C ALA A 178 37.13 0.81 -17.54
N ALA A 179 36.16 0.16 -16.94
CA ALA A 179 35.12 0.83 -16.17
C ALA A 179 35.68 1.62 -15.00
N GLN A 180 36.58 1.00 -14.25
CA GLN A 180 37.20 1.62 -13.09
C GLN A 180 37.92 2.92 -13.38
N LEU A 181 38.29 3.15 -14.63
CA LEU A 181 39.00 4.37 -15.02
C LEU A 181 38.11 5.61 -15.17
N VAL A 182 37.00 5.45 -15.87
CA VAL A 182 36.06 6.56 -16.08
C VAL A 182 34.66 6.02 -15.82
N PRO A 183 34.31 5.83 -14.54
CA PRO A 183 33.00 5.31 -14.17
C PRO A 183 31.84 6.00 -14.90
N SER A 184 32.00 7.30 -15.16
CA SER A 184 30.96 8.08 -15.83
C SER A 184 30.63 7.69 -17.25
N ASN A 185 31.49 6.91 -17.90
CA ASN A 185 31.21 6.49 -19.27
C ASN A 185 30.48 5.17 -19.27
N GLY A 186 29.49 5.05 -20.16
CA GLY A 186 28.71 3.84 -20.22
C GLY A 186 29.08 2.74 -21.20
N GLN A 187 30.10 2.94 -22.03
CA GLN A 187 30.46 1.89 -22.98
C GLN A 187 30.98 0.62 -22.32
N PRO A 188 31.88 0.76 -21.32
CA PRO A 188 32.41 -0.43 -20.66
C PRO A 188 31.32 -1.35 -20.13
N TYR A 189 30.29 -0.74 -19.54
CA TYR A 189 29.16 -1.49 -18.98
C TYR A 189 28.38 -2.21 -20.07
N ASN A 190 28.13 -1.51 -21.18
CA ASN A 190 27.40 -2.11 -22.28
C ASN A 190 28.17 -3.32 -22.82
N GLN A 191 29.50 -3.21 -22.85
CA GLN A 191 30.30 -4.33 -23.36
C GLN A 191 30.21 -5.51 -22.41
N LEU A 192 30.22 -5.23 -21.10
CA LEU A 192 30.11 -6.25 -20.07
C LEU A 192 28.76 -6.98 -20.12
N ALA A 193 27.73 -6.32 -20.63
CA ALA A 193 26.41 -6.96 -20.73
C ALA A 193 26.36 -7.87 -21.96
N ILE A 194 27.02 -7.45 -23.04
CA ILE A 194 27.06 -8.25 -24.25
C ILE A 194 27.79 -9.55 -23.93
N LEU A 195 28.86 -9.43 -23.14
CA LEU A 195 29.62 -10.58 -22.76
C LEU A 195 28.72 -11.47 -21.90
N ALA A 196 27.97 -10.85 -21.00
CA ALA A 196 27.09 -11.59 -20.12
C ALA A 196 25.97 -12.30 -20.89
N SER A 197 25.42 -11.61 -21.87
CA SER A 197 24.35 -12.18 -22.65
C SER A 197 24.85 -13.40 -23.42
N SER A 198 26.05 -13.31 -23.97
CA SER A 198 26.60 -14.42 -24.73
C SER A 198 26.75 -15.68 -23.87
N LYS A 199 26.75 -15.53 -22.55
CA LYS A 199 26.86 -16.68 -21.66
C LYS A 199 25.51 -17.04 -21.04
N GLY A 200 24.45 -16.35 -21.45
CA GLY A 200 23.14 -16.65 -20.91
C GLY A 200 22.92 -16.25 -19.45
N ASP A 201 23.67 -15.26 -18.97
CA ASP A 201 23.52 -14.81 -17.60
C ASP A 201 22.60 -13.58 -17.65
N HIS A 202 21.30 -13.82 -17.66
CA HIS A 202 20.32 -12.75 -17.77
C HIS A 202 20.32 -11.64 -16.72
N LEU A 203 20.37 -12.00 -15.45
CA LEU A 203 20.35 -10.97 -14.41
C LEU A 203 21.56 -10.06 -14.60
N THR A 204 22.73 -10.67 -14.74
CA THR A 204 23.97 -9.92 -14.94
C THR A 204 23.83 -8.99 -16.15
N THR A 205 23.25 -9.51 -17.22
CA THR A 205 23.07 -8.72 -18.43
C THR A 205 22.22 -7.49 -18.16
N ILE A 206 21.01 -7.69 -17.63
CA ILE A 206 20.13 -6.55 -17.34
C ILE A 206 20.85 -5.54 -16.47
N PHE A 207 21.56 -6.03 -15.45
CA PHE A 207 22.32 -5.17 -14.54
C PHE A 207 23.28 -4.24 -15.30
N TYR A 208 24.07 -4.80 -16.22
CA TYR A 208 25.03 -4.01 -16.96
C TYR A 208 24.42 -3.04 -17.96
N TYR A 209 23.26 -3.37 -18.50
CA TYR A 209 22.61 -2.44 -19.42
C TYR A 209 22.19 -1.25 -18.56
N CYS A 210 21.70 -1.54 -17.35
CA CYS A 210 21.29 -0.48 -16.44
C CYS A 210 22.47 0.41 -16.07
N ARG A 211 23.63 -0.19 -15.81
CA ARG A 211 24.82 0.58 -15.46
C ARG A 211 25.26 1.45 -16.62
N SER A 212 25.04 0.96 -17.83
CA SER A 212 25.44 1.66 -19.04
C SER A 212 24.52 2.84 -19.34
N ILE A 213 23.27 2.70 -18.94
CA ILE A 213 22.28 3.73 -19.18
C ILE A 213 22.30 4.84 -18.12
N ALA A 214 22.60 4.46 -16.88
CA ALA A 214 22.62 5.42 -15.79
C ALA A 214 23.97 6.03 -15.44
N VAL A 215 24.45 6.95 -16.25
CA VAL A 215 25.72 7.64 -16.00
C VAL A 215 25.62 9.00 -16.68
N LYS A 216 26.52 9.93 -16.32
CA LYS A 216 26.50 11.26 -16.94
C LYS A 216 26.62 11.17 -18.46
N PHE A 217 27.27 10.10 -18.92
CA PHE A 217 27.45 9.89 -20.34
C PHE A 217 27.07 8.47 -20.73
N PRO A 218 25.77 8.20 -20.78
CA PRO A 218 25.26 6.88 -21.14
C PRO A 218 25.61 6.45 -22.55
N PHE A 219 25.77 5.16 -22.74
CA PHE A 219 26.07 4.58 -24.04
C PHE A 219 24.72 4.44 -24.71
N PRO A 220 24.44 5.29 -25.71
CA PRO A 220 23.17 5.29 -26.45
C PRO A 220 22.61 3.91 -26.82
N ALA A 221 23.47 3.00 -27.22
CA ALA A 221 23.04 1.65 -27.60
C ALA A 221 22.48 0.84 -26.43
N ALA A 222 22.86 1.22 -25.22
CA ALA A 222 22.40 0.51 -24.04
C ALA A 222 20.88 0.56 -23.89
N SER A 223 20.28 1.70 -24.21
CA SER A 223 18.84 1.86 -24.11
C SER A 223 18.08 0.93 -25.06
N THR A 224 18.50 0.88 -26.31
CA THR A 224 17.84 0.02 -27.28
C THR A 224 18.14 -1.45 -26.98
N ASN A 225 19.27 -1.72 -26.34
CA ASN A 225 19.63 -3.09 -25.98
C ASN A 225 18.71 -3.58 -24.87
N LEU A 226 18.54 -2.74 -23.84
CA LEU A 226 17.69 -3.08 -22.70
C LEU A 226 16.27 -3.27 -23.19
N GLN A 227 15.77 -2.26 -23.89
CA GLN A 227 14.42 -2.33 -24.41
C GLN A 227 14.23 -3.63 -25.16
N LYS A 228 15.15 -3.94 -26.08
CA LYS A 228 15.06 -5.16 -26.87
C LYS A 228 15.03 -6.39 -26.00
N ALA A 229 15.84 -6.39 -24.96
CA ALA A 229 15.91 -7.52 -24.06
C ALA A 229 14.63 -7.67 -23.24
N LEU A 230 14.17 -6.56 -22.66
CA LEU A 230 12.97 -6.59 -21.86
C LEU A 230 11.72 -6.98 -22.66
N SER A 231 11.63 -6.51 -23.90
CA SER A 231 10.47 -6.87 -24.73
C SER A 231 10.46 -8.36 -24.99
N LYS A 232 11.62 -8.94 -25.27
CA LYS A 232 11.69 -10.37 -25.53
C LYS A 232 11.28 -11.09 -24.27
N ALA A 233 11.77 -10.62 -23.13
CA ALA A 233 11.44 -11.22 -21.84
C ALA A 233 9.90 -11.28 -21.69
N LEU A 234 9.24 -10.17 -21.96
CA LEU A 234 7.78 -10.11 -21.84
C LEU A 234 7.06 -10.94 -22.91
N GLU A 235 7.79 -11.82 -23.60
CA GLU A 235 7.21 -12.66 -24.63
C GLU A 235 6.82 -14.02 -24.06
N SER A 236 7.28 -14.28 -22.84
CA SER A 236 7.01 -15.54 -22.17
C SER A 236 5.80 -15.37 -21.24
N ARG A 237 5.02 -16.44 -21.05
CA ARG A 237 3.84 -16.36 -20.20
C ARG A 237 4.16 -16.44 -18.71
N ASP A 238 3.19 -16.07 -17.89
CA ASP A 238 3.37 -16.10 -16.45
C ASP A 238 3.85 -17.48 -16.03
N GLU A 239 4.69 -17.53 -15.01
CA GLU A 239 5.20 -18.80 -14.56
C GLU A 239 4.07 -19.68 -14.04
N VAL A 240 4.11 -20.95 -14.39
CA VAL A 240 3.10 -21.91 -14.00
C VAL A 240 3.36 -22.47 -12.62
N LYS A 241 4.63 -22.49 -12.22
CA LYS A 241 5.00 -23.03 -10.92
C LYS A 241 4.62 -22.08 -9.79
N THR A 242 4.34 -22.65 -8.62
CA THR A 242 3.96 -21.87 -7.45
C THR A 242 5.17 -21.80 -6.51
N LYS A 243 6.17 -22.63 -6.78
CA LYS A 243 7.38 -22.67 -5.97
C LYS A 243 8.52 -22.46 -6.95
N TRP A 244 9.22 -21.34 -6.79
CA TRP A 244 10.31 -20.98 -7.70
C TRP A 244 11.73 -21.32 -7.28
N GLY A 245 12.57 -21.52 -8.29
CA GLY A 245 13.97 -21.78 -8.06
C GLY A 245 14.61 -20.45 -8.40
N VAL A 246 15.89 -20.28 -8.09
CA VAL A 246 16.55 -19.01 -8.36
C VAL A 246 16.40 -18.60 -9.82
N SER A 247 16.49 -19.58 -10.72
CA SER A 247 16.37 -19.28 -12.13
C SER A 247 14.98 -18.72 -12.49
N ASP A 248 13.95 -19.22 -11.81
CA ASP A 248 12.59 -18.74 -12.06
C ASP A 248 12.45 -17.31 -11.54
N PHE A 249 12.89 -17.10 -10.31
CA PHE A 249 12.82 -15.80 -9.68
C PHE A 249 13.40 -14.76 -10.62
N ILE A 250 14.63 -15.03 -11.10
CA ILE A 250 15.31 -14.11 -12.01
C ILE A 250 14.44 -13.77 -13.22
N LYS A 251 13.87 -14.80 -13.84
CA LYS A 251 13.02 -14.57 -15.00
C LYS A 251 11.83 -13.66 -14.64
N ALA A 252 11.09 -14.03 -13.61
CA ALA A 252 9.95 -13.24 -13.16
C ALA A 252 10.37 -11.83 -12.72
N PHE A 253 11.54 -11.71 -12.11
CA PHE A 253 12.03 -10.42 -11.67
C PHE A 253 12.26 -9.49 -12.85
N ILE A 254 12.88 -10.00 -13.91
CA ILE A 254 13.14 -9.22 -15.11
C ILE A 254 11.85 -8.83 -15.84
N LYS A 255 10.86 -9.72 -15.87
CA LYS A 255 9.60 -9.35 -16.53
C LYS A 255 8.94 -8.18 -15.82
N PHE A 256 9.03 -8.16 -14.49
CA PHE A 256 8.46 -7.10 -13.68
C PHE A 256 9.06 -5.79 -14.17
N HIS A 257 10.38 -5.78 -14.36
CA HIS A 257 11.06 -4.59 -14.85
C HIS A 257 10.68 -4.36 -16.30
N GLY A 258 10.47 -5.44 -17.04
CA GLY A 258 10.04 -5.28 -18.41
C GLY A 258 8.72 -4.52 -18.40
N HIS A 259 7.73 -5.04 -17.69
CA HIS A 259 6.43 -4.40 -17.61
C HIS A 259 6.54 -2.91 -17.26
N VAL A 260 7.27 -2.58 -16.21
CA VAL A 260 7.45 -1.18 -15.82
C VAL A 260 8.17 -0.34 -16.88
N TYR A 261 9.40 -0.74 -17.21
CA TYR A 261 10.21 -0.02 -18.18
C TYR A 261 9.50 0.29 -19.48
N LEU A 262 8.85 -0.72 -20.06
CA LEU A 262 8.12 -0.54 -21.32
C LEU A 262 6.69 -0.09 -21.03
N SER A 263 6.31 -0.08 -19.76
CA SER A 263 4.95 0.31 -19.38
C SER A 263 3.97 -0.48 -20.22
N LYS A 264 4.11 -1.81 -20.15
CA LYS A 264 3.29 -2.76 -20.92
C LYS A 264 2.55 -3.73 -19.98
N SER A 265 1.29 -4.01 -20.29
CA SER A 265 0.46 -4.92 -19.49
C SER A 265 0.67 -4.84 -17.96
N LEU A 266 0.44 -3.65 -17.42
CA LEU A 266 0.60 -3.36 -16.00
C LEU A 266 -0.32 -4.14 -15.08
N GLU A 267 -1.39 -4.71 -15.62
CA GLU A 267 -2.33 -5.47 -14.81
C GLU A 267 -1.58 -6.58 -14.09
N LYS A 268 -0.48 -7.00 -14.69
CA LYS A 268 0.36 -8.07 -14.18
C LYS A 268 1.09 -7.75 -12.88
N LEU A 269 1.48 -6.49 -12.74
CA LEU A 269 2.26 -6.03 -11.59
C LEU A 269 1.87 -6.50 -10.19
N SER A 270 0.65 -6.18 -9.77
CA SER A 270 0.21 -6.54 -8.43
C SER A 270 0.45 -7.98 -7.98
N PRO A 271 -0.07 -8.96 -8.72
CA PRO A 271 0.15 -10.35 -8.31
C PRO A 271 1.63 -10.72 -8.41
N LEU A 272 2.26 -10.32 -9.51
CA LEU A 272 3.67 -10.63 -9.71
C LEU A 272 4.49 -10.08 -8.55
N ARG A 273 4.14 -8.89 -8.09
CA ARG A 273 4.84 -8.28 -6.96
C ARG A 273 4.73 -9.22 -5.76
N GLU A 274 3.50 -9.52 -5.34
CA GLU A 274 3.28 -10.40 -4.21
C GLU A 274 4.04 -11.74 -4.35
N LYS A 275 3.98 -12.35 -5.53
CA LYS A 275 4.66 -13.61 -5.74
C LYS A 275 6.18 -13.44 -5.66
N LEU A 276 6.70 -12.35 -6.20
CA LEU A 276 8.13 -12.09 -6.14
C LEU A 276 8.55 -11.93 -4.68
N GLU A 277 7.72 -11.24 -3.90
CA GLU A 277 8.01 -11.03 -2.48
C GLU A 277 8.05 -12.37 -1.77
N GLU A 278 7.01 -13.17 -1.95
CA GLU A 278 6.96 -14.48 -1.30
C GLU A 278 8.20 -15.31 -1.64
N GLN A 279 8.47 -15.47 -2.93
CA GLN A 279 9.61 -16.25 -3.39
C GLN A 279 10.96 -15.70 -2.99
N PHE A 280 11.10 -14.38 -3.00
CA PHE A 280 12.37 -13.76 -2.63
C PHE A 280 12.69 -14.17 -1.19
N LYS A 281 11.68 -14.11 -0.33
CA LYS A 281 11.84 -14.48 1.07
C LYS A 281 12.33 -15.92 1.22
N GLU A 282 11.60 -16.87 0.62
CA GLU A 282 11.96 -18.27 0.73
C GLU A 282 13.36 -18.53 0.17
N LEU A 283 13.62 -18.04 -1.04
CA LEU A 283 14.92 -18.25 -1.65
C LEU A 283 16.04 -17.63 -0.82
N LEU A 284 15.91 -16.35 -0.49
CA LEU A 284 16.93 -15.68 0.31
C LEU A 284 17.23 -16.45 1.59
N PHE A 285 16.19 -16.96 2.24
CA PHE A 285 16.35 -17.68 3.48
C PHE A 285 16.99 -19.06 3.33
N GLN A 286 16.88 -19.63 2.14
CA GLN A 286 17.47 -20.95 1.87
C GLN A 286 18.90 -20.74 1.39
N LYS A 287 19.36 -19.48 1.39
CA LYS A 287 20.70 -19.16 0.93
C LYS A 287 20.83 -19.39 -0.58
N ALA A 288 19.73 -19.33 -1.30
CA ALA A 288 19.79 -19.60 -2.74
C ALA A 288 20.51 -18.55 -3.57
N PHE A 289 20.67 -17.33 -3.05
CA PHE A 289 21.35 -16.28 -3.79
C PHE A 289 22.74 -16.04 -3.21
N ASN A 290 23.60 -15.42 -4.00
CA ASN A 290 24.94 -15.06 -3.54
C ASN A 290 24.83 -13.55 -3.39
N SER A 291 25.62 -12.94 -2.51
CA SER A 291 25.50 -11.50 -2.30
C SER A 291 25.58 -10.69 -3.60
N GLN A 292 26.18 -11.27 -4.64
CA GLN A 292 26.31 -10.58 -5.92
C GLN A 292 24.94 -10.36 -6.59
N GLN A 293 24.16 -11.42 -6.70
CA GLN A 293 22.84 -11.33 -7.30
C GLN A 293 21.96 -10.38 -6.50
N LEU A 294 22.11 -10.42 -5.18
CA LEU A 294 21.32 -9.55 -4.30
C LEU A 294 21.59 -8.10 -4.66
N VAL A 295 22.85 -7.80 -4.96
CA VAL A 295 23.24 -6.45 -5.34
C VAL A 295 22.67 -6.09 -6.72
N HIS A 296 22.77 -7.01 -7.67
CA HIS A 296 22.23 -6.77 -9.01
C HIS A 296 20.73 -6.49 -8.96
N VAL A 297 20.00 -7.31 -8.20
CA VAL A 297 18.57 -7.13 -8.04
C VAL A 297 18.26 -5.76 -7.42
N THR A 298 19.04 -5.37 -6.42
CA THR A 298 18.85 -4.10 -5.75
C THR A 298 19.18 -2.94 -6.69
N VAL A 299 20.30 -3.06 -7.39
CA VAL A 299 20.68 -2.01 -8.31
C VAL A 299 19.67 -1.89 -9.44
N ILE A 300 19.16 -3.02 -9.93
CA ILE A 300 18.17 -2.96 -11.00
C ILE A 300 16.91 -2.26 -10.46
N ASN A 301 16.57 -2.53 -9.20
CA ASN A 301 15.41 -1.87 -8.59
C ASN A 301 15.66 -0.36 -8.44
N LEU A 302 16.90 -0.01 -8.06
CA LEU A 302 17.28 1.40 -7.91
C LEU A 302 17.25 2.07 -9.27
N PHE A 303 17.72 1.36 -10.29
CA PHE A 303 17.72 1.89 -11.65
C PHE A 303 16.30 2.32 -12.03
N GLN A 304 15.35 1.38 -11.98
CA GLN A 304 13.97 1.69 -12.35
C GLN A 304 13.39 2.84 -11.54
N LEU A 305 13.54 2.78 -10.22
CA LEU A 305 13.03 3.81 -9.36
C LEU A 305 13.51 5.18 -9.84
N HIS A 306 14.83 5.35 -9.93
CA HIS A 306 15.40 6.60 -10.40
C HIS A 306 14.90 6.94 -11.79
N HIS A 307 14.84 5.94 -12.66
CA HIS A 307 14.38 6.14 -14.01
C HIS A 307 12.95 6.67 -14.04
N LEU A 308 12.16 6.30 -13.04
CA LEU A 308 10.77 6.75 -12.97
C LEU A 308 10.66 8.13 -12.34
N ARG A 309 11.47 8.39 -11.32
CA ARG A 309 11.46 9.68 -10.64
C ARG A 309 12.86 9.94 -10.12
N ASP A 310 13.58 10.86 -10.76
CA ASP A 310 14.96 11.16 -10.35
C ASP A 310 15.01 12.06 -9.13
N PHE A 311 16.20 12.58 -8.83
CA PHE A 311 16.40 13.45 -7.69
C PHE A 311 15.58 14.74 -7.81
N SER A 312 15.10 15.01 -9.02
CA SER A 312 14.29 16.21 -9.26
C SER A 312 13.01 16.14 -8.43
N ASN A 313 12.49 14.92 -8.30
CA ASN A 313 11.26 14.69 -7.54
C ASN A 313 11.41 15.04 -6.07
N GLU A 314 12.65 15.15 -5.60
CA GLU A 314 12.90 15.51 -4.21
C GLU A 314 12.98 17.02 -4.11
N THR A 315 12.83 17.69 -5.24
CA THR A 315 12.87 19.15 -5.28
C THR A 315 11.50 19.67 -5.71
N GLU A 316 11.25 19.57 -7.03
CA GLU A 316 10.04 20.03 -7.67
C GLU A 316 9.04 18.93 -7.90
N GLN A 317 7.80 19.35 -7.75
CA GLN A 317 6.61 18.47 -7.80
C GLN A 317 6.03 18.21 -9.19
N HIS A 318 6.22 16.98 -9.62
CA HIS A 318 5.77 16.59 -10.95
C HIS A 318 4.43 15.88 -10.96
N THR A 319 3.80 15.88 -12.13
CA THR A 319 2.52 15.22 -12.30
C THR A 319 2.79 13.86 -12.93
N TYR A 320 2.09 12.85 -12.46
CA TYR A 320 2.29 11.52 -12.99
C TYR A 320 1.00 10.90 -13.50
N SER A 321 1.12 10.20 -14.63
CA SER A 321 0.01 9.53 -15.25
C SER A 321 -0.52 8.48 -14.30
N GLN A 322 -1.72 7.95 -14.56
CA GLN A 322 -2.25 6.91 -13.70
C GLN A 322 -1.36 5.67 -13.83
N ASP A 323 -0.94 5.38 -15.06
CA ASP A 323 -0.07 4.22 -15.27
C ASP A 323 1.32 4.42 -14.67
N GLU A 324 1.82 5.64 -14.66
CA GLU A 324 3.13 5.89 -14.11
C GLU A 324 3.09 5.69 -12.60
N GLN A 325 1.94 6.03 -12.01
CA GLN A 325 1.75 5.88 -10.58
C GLN A 325 1.68 4.42 -10.22
N LEU A 326 0.98 3.65 -11.04
CA LEU A 326 0.84 2.22 -10.81
C LEU A 326 2.21 1.56 -10.73
N CYS A 327 3.13 1.99 -11.60
CA CYS A 327 4.49 1.47 -11.65
C CYS A 327 5.32 1.86 -10.45
N TRP A 328 5.33 3.14 -10.13
CA TRP A 328 6.09 3.62 -8.99
C TRP A 328 5.55 2.93 -7.73
N THR A 329 4.22 2.83 -7.63
CA THR A 329 3.58 2.20 -6.47
C THR A 329 4.01 0.75 -6.33
N GLN A 330 3.91 -0.02 -7.41
CA GLN A 330 4.29 -1.42 -7.41
C GLN A 330 5.79 -1.60 -7.25
N LEU A 331 6.57 -0.79 -7.96
CA LEU A 331 8.03 -0.87 -7.90
C LEU A 331 8.59 -0.45 -6.55
N LEU A 332 8.14 0.70 -6.03
CA LEU A 332 8.63 1.17 -4.73
C LEU A 332 8.30 0.13 -3.66
N ALA A 333 7.11 -0.46 -3.79
CA ALA A 333 6.64 -1.45 -2.83
C ALA A 333 7.55 -2.68 -2.83
N LEU A 334 7.81 -3.24 -4.01
CA LEU A 334 8.66 -4.42 -4.13
C LEU A 334 10.02 -4.15 -3.49
N PHE A 335 10.53 -2.93 -3.68
CA PHE A 335 11.82 -2.55 -3.13
C PHE A 335 11.83 -2.50 -1.59
N MET A 336 10.80 -1.90 -1.00
CA MET A 336 10.73 -1.81 0.45
C MET A 336 10.49 -3.19 1.05
N SER A 337 9.69 -4.01 0.37
CA SER A 337 9.43 -5.36 0.86
C SER A 337 10.74 -6.13 0.87
N PHE A 338 11.48 -6.05 -0.24
CA PHE A 338 12.77 -6.72 -0.37
C PHE A 338 13.70 -6.23 0.74
N LEU A 339 13.79 -4.92 0.91
CA LEU A 339 14.65 -4.35 1.94
C LEU A 339 14.32 -4.93 3.31
N GLY A 340 13.03 -5.03 3.59
CA GLY A 340 12.62 -5.57 4.87
C GLY A 340 13.02 -7.03 4.98
N ILE A 341 12.80 -7.79 3.92
CA ILE A 341 13.14 -9.19 3.93
C ILE A 341 14.64 -9.36 4.12
N LEU A 342 15.42 -8.48 3.52
CA LEU A 342 16.87 -8.52 3.64
C LEU A 342 17.35 -8.22 5.05
N CYS A 343 16.63 -7.36 5.76
CA CYS A 343 17.02 -7.02 7.13
C CYS A 343 16.68 -8.13 8.11
N LYS A 344 15.78 -9.03 7.76
CA LYS A 344 15.42 -10.13 8.65
C LYS A 344 16.35 -11.32 8.49
N CYS A 345 16.64 -11.61 7.23
CA CYS A 345 17.49 -12.73 6.87
C CYS A 345 18.64 -12.94 7.86
N PRO A 346 19.37 -11.88 8.20
CA PRO A 346 20.48 -12.00 9.14
C PRO A 346 20.09 -12.65 10.46
N LEU A 347 19.33 -11.91 11.27
CA LEU A 347 18.91 -12.39 12.59
C LEU A 347 18.07 -13.66 12.62
N GLN A 348 17.79 -14.25 11.46
CA GLN A 348 16.99 -15.47 11.42
C GLN A 348 17.78 -16.77 11.36
N ASN A 349 17.79 -17.47 12.48
CA ASN A 349 18.50 -18.74 12.61
C ASN A 349 19.98 -18.66 12.25
N SER A 351 23.55 -19.94 11.19
CA SER A 351 24.40 -20.69 10.28
C SER A 351 25.89 -20.36 10.50
N GLN A 352 26.71 -20.57 9.49
CA GLN A 352 28.18 -20.35 9.55
C GLN A 352 28.78 -19.31 10.54
N GLU A 353 28.17 -19.02 11.66
CA GLU A 353 28.77 -18.11 12.62
C GLU A 353 29.50 -16.90 12.01
N GLU A 354 28.59 -15.95 11.82
CA GLU A 354 28.72 -14.61 11.28
C GLU A 354 28.38 -14.54 9.81
N SER A 355 28.35 -15.70 9.16
CA SER A 355 28.05 -15.73 7.74
C SER A 355 26.55 -15.88 7.44
N TYR A 356 25.73 -16.01 8.49
CA TYR A 356 24.28 -16.12 8.30
C TYR A 356 23.86 -14.77 7.76
N ASN A 357 24.64 -13.81 8.14
CA ASN A 357 24.48 -12.56 7.59
C ASN A 357 25.58 -12.38 6.57
N ALA A 358 25.68 -11.13 6.18
CA ALA A 358 26.68 -10.63 5.25
C ALA A 358 26.47 -10.97 3.78
N TYR A 359 25.58 -11.86 3.44
CA TYR A 359 25.31 -11.96 2.05
C TYR A 359 24.30 -10.88 1.78
N PRO A 360 23.36 -10.65 2.74
CA PRO A 360 22.27 -9.69 2.55
C PRO A 360 22.79 -8.26 2.76
N LEU A 361 23.74 -8.12 3.68
CA LEU A 361 24.32 -6.83 4.05
C LEU A 361 24.70 -5.84 2.96
N PRO A 362 25.37 -6.30 1.90
CA PRO A 362 25.72 -5.30 0.87
C PRO A 362 24.45 -4.77 0.22
N ALA A 363 23.47 -5.65 0.06
CA ALA A 363 22.21 -5.26 -0.55
C ALA A 363 21.38 -4.35 0.38
N VAL A 364 21.52 -4.55 1.70
CA VAL A 364 20.78 -3.70 2.63
C VAL A 364 21.41 -2.32 2.57
N LYS A 365 22.73 -2.31 2.65
CA LYS A 365 23.50 -1.08 2.63
C LYS A 365 23.17 -0.25 1.39
N VAL A 366 23.24 -0.86 0.21
CA VAL A 366 22.93 -0.17 -1.04
C VAL A 366 21.51 0.38 -0.99
N SER A 367 20.57 -0.45 -0.57
CA SER A 367 19.18 -0.03 -0.47
C SER A 367 19.06 1.20 0.44
N MET A 368 19.66 1.12 1.62
CA MET A 368 19.59 2.25 2.56
C MET A 368 20.29 3.47 2.02
N ASP A 369 21.44 3.28 1.35
CA ASP A 369 22.15 4.43 0.81
C ASP A 369 21.24 5.26 -0.09
N TRP A 370 20.34 4.61 -0.81
CA TRP A 370 19.44 5.36 -1.68
C TRP A 370 18.35 6.06 -0.89
N LEU A 371 17.75 5.37 0.08
CA LEU A 371 16.71 6.01 0.88
C LEU A 371 17.24 7.29 1.53
N ARG A 372 18.50 7.24 1.96
CA ARG A 372 19.14 8.37 2.60
C ARG A 372 19.21 9.59 1.68
N LEU A 373 19.14 9.36 0.38
CA LEU A 373 19.21 10.44 -0.59
C LEU A 373 17.84 10.90 -1.07
N ARG A 374 16.81 10.15 -0.73
CA ARG A 374 15.45 10.50 -1.15
C ARG A 374 14.50 10.71 0.04
N PRO A 375 14.69 11.80 0.79
CA PRO A 375 13.85 12.09 1.96
C PRO A 375 12.35 11.92 1.70
N ARG A 376 11.84 12.53 0.63
CA ARG A 376 10.42 12.46 0.32
C ARG A 376 9.88 11.06 0.10
N VAL A 377 10.75 10.08 -0.07
CA VAL A 377 10.29 8.73 -0.25
C VAL A 377 9.75 8.20 1.07
N PHE A 378 10.27 8.71 2.19
CA PHE A 378 9.80 8.26 3.49
C PHE A 378 8.37 8.73 3.78
N GLN A 379 7.86 9.63 2.94
CA GLN A 379 6.49 10.15 3.08
C GLN A 379 5.55 9.31 2.22
N GLU A 380 6.14 8.48 1.36
CA GLU A 380 5.36 7.62 0.46
C GLU A 380 4.39 6.64 1.13
N ALA A 381 3.17 6.58 0.60
CA ALA A 381 2.16 5.68 1.12
C ALA A 381 2.68 4.24 1.26
N VAL A 382 3.24 3.70 0.17
CA VAL A 382 3.73 2.33 0.24
C VAL A 382 4.88 2.18 1.24
N VAL A 383 5.47 3.30 1.67
CA VAL A 383 6.55 3.23 2.63
C VAL A 383 6.00 3.31 4.07
N ASP A 384 5.05 4.20 4.32
CA ASP A 384 4.46 4.29 5.67
C ASP A 384 3.90 2.93 6.00
N GLU A 385 3.24 2.38 4.99
CA GLU A 385 2.61 1.08 5.04
C GLU A 385 3.54 0.00 5.56
N ARG A 386 4.83 0.13 5.25
CA ARG A 386 5.79 -0.87 5.67
C ARG A 386 6.75 -0.45 6.77
N GLN A 387 6.36 0.48 7.63
CA GLN A 387 7.31 0.86 8.66
C GLN A 387 7.54 -0.23 9.69
N TYR A 388 7.05 -1.43 9.41
CA TYR A 388 7.26 -2.56 10.31
C TYR A 388 8.65 -3.17 10.06
N ILE A 389 9.30 -2.75 8.97
CA ILE A 389 10.62 -3.27 8.63
C ILE A 389 11.72 -2.70 9.51
N TRP A 390 11.52 -1.48 10.00
CA TRP A 390 12.54 -0.83 10.81
C TRP A 390 12.96 -1.61 12.05
N PRO A 391 12.01 -2.27 12.74
CA PRO A 391 12.45 -3.04 13.91
C PRO A 391 13.50 -4.06 13.51
N TRP A 392 13.35 -4.65 12.32
CA TRP A 392 14.29 -5.65 11.86
C TRP A 392 15.70 -5.05 11.62
N LEU A 393 15.75 -3.85 11.06
CA LEU A 393 17.02 -3.19 10.82
C LEU A 393 17.67 -2.82 12.16
N ILE A 394 16.84 -2.31 13.06
CA ILE A 394 17.28 -1.91 14.38
C ILE A 394 17.92 -3.07 15.14
N SER A 395 17.27 -4.22 15.16
CA SER A 395 17.84 -5.35 15.88
C SER A 395 19.08 -5.83 15.13
N LEU A 396 19.20 -5.41 13.88
CA LEU A 396 20.36 -5.78 13.07
C LEU A 396 21.52 -4.83 13.39
N LEU A 397 21.20 -3.59 13.71
CA LEU A 397 22.24 -2.64 14.05
C LEU A 397 22.81 -2.93 15.44
N ASN A 398 21.95 -3.28 16.38
CA ASN A 398 22.41 -3.59 17.73
C ASN A 398 23.08 -4.96 17.73
N SER A 399 22.97 -5.66 16.60
CA SER A 399 23.57 -6.98 16.45
C SER A 399 25.07 -6.76 16.37
N PHE A 400 25.44 -5.53 16.05
CA PHE A 400 26.84 -5.14 15.88
C PHE A 400 27.52 -4.61 17.15
N HIS A 401 26.75 -4.45 18.23
CA HIS A 401 27.32 -3.93 19.47
C HIS A 401 27.92 -2.55 19.18
N PRO A 402 27.16 -1.66 18.54
CA PRO A 402 27.57 -0.30 18.18
C PRO A 402 28.22 0.49 19.31
N HIS A 403 29.20 1.31 18.94
CA HIS A 403 29.93 2.19 19.85
C HIS A 403 30.00 3.47 19.03
N GLU A 404 30.95 4.35 19.31
CA GLU A 404 31.06 5.57 18.49
C GLU A 404 31.64 5.23 17.12
N GLU A 405 30.74 5.10 16.14
CA GLU A 405 31.02 4.79 14.73
C GLU A 405 30.81 6.09 13.96
N ASP A 406 29.94 6.93 14.49
CA ASP A 406 29.69 8.21 13.87
C ASP A 406 31.01 8.98 13.96
N LEU A 407 32.11 8.23 13.92
CA LEU A 407 33.48 8.73 14.02
C LEU A 407 33.89 9.87 13.08
N SER A 409 34.52 7.36 10.43
CA SER A 409 33.20 7.73 9.93
C SER A 409 33.20 7.59 8.43
N ILE A 410 34.37 7.77 7.87
CA ILE A 410 34.49 7.71 6.44
C ILE A 410 35.78 6.96 6.13
N SER A 411 35.83 5.67 6.48
CA SER A 411 37.01 4.85 6.22
C SER A 411 37.73 5.35 4.97
N ALA A 412 36.97 5.92 4.05
CA ALA A 412 37.50 6.44 2.79
C ALA A 412 37.97 5.29 1.88
N THR A 413 38.13 4.11 2.45
CA THR A 413 38.53 2.93 1.69
C THR A 413 37.22 2.26 1.28
N PRO A 414 36.87 2.33 -0.02
CA PRO A 414 35.65 1.77 -0.60
C PRO A 414 35.48 0.28 -0.39
N LEU A 415 34.24 -0.12 -0.13
CA LEU A 415 33.90 -1.52 0.04
C LEU A 415 33.67 -2.06 -1.36
N PRO A 416 33.60 -3.38 -1.52
CA PRO A 416 33.37 -3.95 -2.85
C PRO A 416 32.17 -3.34 -3.60
N GLU A 417 30.98 -3.47 -3.03
CA GLU A 417 29.78 -2.93 -3.67
C GLU A 417 29.83 -1.43 -3.95
N GLU A 418 30.82 -0.75 -3.38
CA GLU A 418 30.95 0.69 -3.61
C GLU A 418 31.79 0.91 -4.86
N PHE A 419 32.89 0.15 -4.98
CA PHE A 419 33.76 0.25 -6.15
C PHE A 419 32.97 -0.14 -7.37
N GLU A 420 32.24 -1.23 -7.23
CA GLU A 420 31.39 -1.79 -8.28
C GLU A 420 30.33 -0.84 -8.84
N LEU A 421 29.77 0.01 -7.99
CA LEU A 421 28.69 0.89 -8.42
C LEU A 421 29.08 2.33 -8.75
N GLN A 422 30.37 2.59 -8.91
CA GLN A 422 30.81 3.94 -9.24
C GLN A 422 30.12 4.49 -10.47
N GLY A 423 29.71 5.75 -10.40
CA GLY A 423 29.02 6.40 -11.52
C GLY A 423 27.51 6.17 -11.60
N PHE A 424 26.98 5.26 -10.80
CA PHE A 424 25.54 4.96 -10.81
C PHE A 424 24.81 6.22 -10.29
N LEU A 425 24.11 6.88 -11.21
CA LEU A 425 23.38 8.11 -10.90
C LEU A 425 22.68 8.11 -9.55
N ALA A 426 21.71 7.22 -9.39
CA ALA A 426 20.94 7.15 -8.15
C ALA A 426 21.77 7.13 -6.88
N LEU A 427 22.96 6.54 -6.95
CA LEU A 427 23.82 6.43 -5.78
C LEU A 427 25.05 7.34 -5.74
N ARG A 428 25.32 8.05 -6.83
CA ARG A 428 26.51 8.91 -6.87
C ARG A 428 26.86 9.69 -5.60
N PRO A 429 25.91 10.46 -5.05
CA PRO A 429 26.23 11.22 -3.83
C PRO A 429 26.78 10.40 -2.66
N SER A 430 26.34 9.16 -2.52
CA SER A 430 26.79 8.32 -1.43
C SER A 430 28.30 8.08 -1.48
N PHE A 431 28.88 8.36 -2.65
CA PHE A 431 30.31 8.16 -2.86
C PHE A 431 31.20 9.40 -2.69
N ARG A 432 30.60 10.58 -2.72
CA ARG A 432 31.38 11.86 -2.66
C ARG A 432 32.36 12.04 -1.49
N ASN A 433 32.84 10.96 -0.87
CA ASN A 433 33.84 11.13 0.19
C ASN A 433 34.97 10.06 0.01
N LEU A 434 34.63 8.83 -0.38
CA LEU A 434 35.59 7.73 -0.55
C LEU A 434 36.66 7.97 -1.62
N ASP A 435 37.85 7.44 -1.32
CA ASP A 435 38.93 7.53 -2.28
C ASP A 435 39.10 6.17 -2.93
N PHE A 436 38.64 6.07 -4.16
CA PHE A 436 38.70 4.84 -4.93
C PHE A 436 40.07 4.57 -5.51
N SER A 437 41.01 5.49 -5.30
CA SER A 437 42.37 5.30 -5.81
C SER A 437 42.93 4.10 -5.07
N LYS A 438 43.76 4.35 -4.06
CA LYS A 438 44.31 3.25 -3.28
C LYS A 438 43.15 2.63 -2.52
N GLY A 439 43.12 1.30 -2.51
CA GLY A 439 42.07 0.57 -1.82
C GLY A 439 42.32 -0.91 -2.04
N HIS A 440 43.40 -1.19 -2.79
CA HIS A 440 43.81 -2.54 -3.13
C HIS A 440 43.02 -3.10 -4.31
N LYS A 447 41.15 -9.18 4.52
CA LYS A 447 40.31 -8.48 3.55
C LYS A 447 38.87 -8.40 4.04
N GLU A 448 38.46 -9.37 4.86
CA GLU A 448 37.11 -9.43 5.40
C GLU A 448 36.87 -8.52 6.60
N GLY A 449 37.42 -8.90 7.75
CA GLY A 449 37.25 -8.10 8.94
C GLY A 449 37.38 -6.63 8.63
N GLN A 450 38.21 -6.31 7.65
CA GLN A 450 38.41 -4.93 7.26
C GLN A 450 37.26 -4.41 6.38
N GLN A 451 36.42 -5.32 5.90
CA GLN A 451 35.29 -4.96 5.06
C GLN A 451 33.96 -5.22 5.76
N ARG A 452 33.88 -6.35 6.46
CA ARG A 452 32.66 -6.68 7.19
C ARG A 452 32.47 -5.67 8.30
N ARG A 453 33.56 -5.38 9.01
CA ARG A 453 33.50 -4.44 10.10
C ARG A 453 33.34 -3.00 9.61
N ILE A 454 33.70 -2.73 8.37
CA ILE A 454 33.53 -1.39 7.80
C ILE A 454 32.06 -1.26 7.34
N ARG A 455 31.58 -2.27 6.64
CA ARG A 455 30.21 -2.26 6.17
C ARG A 455 29.28 -2.08 7.38
N GLN A 456 29.62 -2.72 8.50
CA GLN A 456 28.80 -2.60 9.70
C GLN A 456 28.75 -1.13 10.11
N GLN A 457 29.90 -0.46 10.04
CA GLN A 457 29.95 0.95 10.40
C GLN A 457 29.06 1.75 9.46
N ARG A 458 29.14 1.46 8.17
CA ARG A 458 28.33 2.13 7.17
C ARG A 458 26.86 2.02 7.56
N LEU A 459 26.45 0.83 8.01
CA LEU A 459 25.07 0.59 8.43
C LEU A 459 24.79 1.34 9.72
N ILE A 460 25.71 1.26 10.68
CA ILE A 460 25.54 1.95 11.96
C ILE A 460 25.38 3.43 11.67
N SER A 461 26.10 3.90 10.65
CA SER A 461 26.07 5.29 10.27
C SER A 461 24.71 5.69 9.76
N ILE A 462 24.16 4.88 8.87
CA ILE A 462 22.85 5.13 8.27
C ILE A 462 21.76 5.15 9.34
N GLY A 463 21.90 4.29 10.34
CA GLY A 463 20.92 4.25 11.40
C GLY A 463 20.91 5.56 12.14
N LYS A 464 22.08 6.18 12.25
CA LYS A 464 22.20 7.46 12.93
C LYS A 464 21.50 8.51 12.10
N TRP A 465 21.73 8.47 10.80
CA TRP A 465 21.12 9.43 9.88
C TRP A 465 19.60 9.31 9.87
N ILE A 466 19.10 8.07 9.93
CA ILE A 466 17.67 7.83 9.94
C ILE A 466 17.12 8.42 11.25
N ALA A 467 17.75 8.05 12.35
CA ALA A 467 17.36 8.53 13.67
C ALA A 467 17.29 10.05 13.73
N ASP A 468 18.19 10.74 13.00
CA ASP A 468 18.21 12.19 13.01
C ASP A 468 17.35 12.84 11.93
N ASN A 469 16.80 12.05 11.01
CA ASN A 469 16.01 12.63 9.93
C ASN A 469 14.58 12.13 9.84
N GLN A 470 14.32 10.98 10.46
CA GLN A 470 12.99 10.36 10.52
C GLN A 470 12.89 9.82 11.95
N PRO A 471 12.81 10.73 12.94
CA PRO A 471 12.71 10.40 14.36
C PRO A 471 11.56 9.46 14.72
N ARG A 472 10.49 9.50 13.94
CA ARG A 472 9.33 8.64 14.21
C ARG A 472 9.62 7.17 13.93
N LEU A 473 10.59 6.91 13.06
CA LEU A 473 10.94 5.54 12.70
C LEU A 473 12.00 4.94 13.62
N ILE A 474 13.12 5.64 13.73
CA ILE A 474 14.21 5.16 14.57
C ILE A 474 14.77 6.24 15.48
N GLN A 475 15.27 5.80 16.63
CA GLN A 475 15.90 6.68 17.60
C GLN A 475 17.13 5.95 18.10
N CYS A 476 18.20 6.70 18.32
CA CYS A 476 19.47 6.14 18.78
C CYS A 476 19.86 6.73 20.13
N GLU A 477 19.71 5.95 21.20
CA GLU A 477 20.08 6.44 22.51
C GLU A 477 21.58 6.29 22.67
N ASN A 478 22.29 7.43 22.51
CA ASN A 478 23.73 7.42 22.62
C ASN A 478 24.14 7.62 24.10
N GLU A 479 24.42 6.52 24.80
CA GLU A 479 24.79 6.64 26.22
C GLU A 479 26.06 5.90 26.55
N VAL A 480 26.95 6.62 27.29
CA VAL A 480 28.24 6.06 27.69
C VAL A 480 29.01 5.54 26.48
N GLY A 481 28.92 6.26 25.36
CA GLY A 481 29.66 5.91 24.14
C GLY A 481 29.25 4.61 23.50
N LYS A 482 28.21 4.04 24.03
CA LYS A 482 27.67 2.84 23.49
C LYS A 482 26.40 3.27 22.82
N LEU A 483 26.18 2.86 21.57
CA LEU A 483 24.98 3.25 20.86
C LEU A 483 23.96 2.14 20.88
N LEU A 484 22.71 2.48 21.21
CA LEU A 484 21.64 1.51 21.22
C LEU A 484 20.52 2.03 20.35
N PHE A 485 20.19 1.26 19.32
CA PHE A 485 19.11 1.66 18.43
C PHE A 485 17.80 1.11 18.96
N ILE A 486 16.76 1.92 18.83
CA ILE A 486 15.44 1.52 19.29
C ILE A 486 14.33 2.13 18.43
N THR A 487 13.13 1.61 18.60
CA THR A 487 11.97 2.09 17.86
C THR A 487 10.70 1.80 18.64
N GLU A 488 9.74 2.72 18.56
CA GLU A 488 8.49 2.52 19.26
C GLU A 488 7.62 1.61 18.40
N ILE A 489 7.96 1.52 17.11
CA ILE A 489 7.22 0.67 16.20
C ILE A 489 7.39 -0.75 16.72
N PRO A 490 6.27 -1.45 16.97
CA PRO A 490 6.37 -2.83 17.46
C PRO A 490 6.89 -3.76 16.38
N GLU A 491 7.42 -4.90 16.78
CA GLU A 491 7.96 -5.86 15.82
C GLU A 491 6.80 -6.68 15.26
N LEU A 492 6.77 -6.83 13.93
CA LEU A 492 5.72 -7.62 13.32
C LEU A 492 6.07 -9.09 13.46
N ILE A 493 5.34 -9.80 14.32
CA ILE A 493 5.58 -11.22 14.54
C ILE A 493 4.40 -12.04 14.01
N LEU A 494 4.58 -12.57 12.80
CA LEU A 494 3.53 -13.35 12.17
C LEU A 494 3.29 -14.63 12.94
N GLU A 495 2.39 -15.47 12.44
CA GLU A 495 2.10 -16.71 13.13
C GLU A 495 3.14 -17.82 13.01
N ASP A 496 3.43 -18.35 14.19
CA ASP A 496 4.40 -19.40 14.51
C ASP A 496 5.22 -20.34 13.63
N PRO A 497 4.59 -21.27 12.88
CA PRO A 497 5.33 -22.22 12.03
C PRO A 497 6.84 -22.01 11.80
N MET B 1 -57.08 21.93 15.57
CA MET B 1 -57.23 23.31 15.00
C MET B 1 -56.61 24.34 15.94
N SER B 2 -56.11 25.42 15.36
CA SER B 2 -55.47 26.48 16.13
C SER B 2 -56.20 26.85 17.43
N LEU B 3 -57.42 27.31 17.31
CA LEU B 3 -58.18 27.74 18.47
C LEU B 3 -58.27 26.72 19.59
N GLN B 4 -58.63 25.48 19.24
CA GLN B 4 -58.74 24.41 20.23
C GLN B 4 -57.39 24.15 20.90
N SER B 5 -56.35 24.04 20.09
CA SER B 5 -55.00 23.78 20.59
C SER B 5 -54.46 24.87 21.52
N ALA B 6 -54.80 26.13 21.20
CA ALA B 6 -54.33 27.27 21.99
C ALA B 6 -54.91 27.21 23.40
N GLN B 7 -56.17 26.83 23.50
CA GLN B 7 -56.78 26.71 24.80
C GLN B 7 -56.10 25.56 25.56
N TYR B 8 -55.82 24.47 24.86
CA TYR B 8 -55.17 23.32 25.47
C TYR B 8 -53.83 23.75 26.08
N LEU B 9 -53.05 24.53 25.32
CA LEU B 9 -51.77 25.01 25.79
C LEU B 9 -51.95 25.86 27.07
N ARG B 10 -52.93 26.76 27.06
CA ARG B 10 -53.19 27.59 28.24
C ARG B 10 -53.50 26.73 29.47
N GLN B 11 -54.39 25.76 29.32
CA GLN B 11 -54.75 24.87 30.43
C GLN B 11 -53.51 24.10 30.94
N ALA B 12 -52.60 23.78 30.03
CA ALA B 12 -51.38 23.04 30.38
C ALA B 12 -50.41 23.85 31.25
N GLU B 13 -50.34 25.15 31.02
CA GLU B 13 -49.42 26.01 31.78
C GLU B 13 -49.78 25.96 33.26
N VAL B 14 -51.07 25.87 33.55
CA VAL B 14 -51.48 25.81 34.93
C VAL B 14 -51.09 24.46 35.49
N LEU B 15 -51.54 23.40 34.81
CA LEU B 15 -51.24 22.07 35.27
C LEU B 15 -49.77 21.81 35.49
N LYS B 16 -48.91 22.26 34.58
CA LYS B 16 -47.50 22.00 34.79
C LYS B 16 -46.91 22.90 35.87
N ALA B 17 -47.61 23.97 36.22
CA ALA B 17 -47.15 24.84 37.30
C ALA B 17 -47.47 24.07 38.56
N ASP B 18 -48.59 23.34 38.54
CA ASP B 18 -49.02 22.53 39.68
C ASP B 18 -48.00 21.49 40.08
N MET B 19 -47.15 21.06 39.14
CA MET B 19 -46.15 20.06 39.48
C MET B 19 -45.08 20.68 40.41
N THR B 20 -45.05 22.00 40.47
CA THR B 20 -44.07 22.70 41.29
C THR B 20 -44.67 23.71 42.27
N ASP B 21 -45.82 23.37 42.85
CA ASP B 21 -46.46 24.28 43.80
C ASP B 21 -46.37 23.73 45.21
N SER B 22 -45.28 24.12 45.89
CA SER B 22 -44.98 23.69 47.26
C SER B 22 -46.19 23.36 48.14
N LYS B 23 -47.27 24.14 48.00
CA LYS B 23 -48.46 23.91 48.79
C LYS B 23 -49.47 23.01 48.09
N LEU B 24 -49.01 21.84 47.64
CA LEU B 24 -49.86 20.89 46.95
C LEU B 24 -49.85 19.49 47.56
N GLY B 25 -51.04 18.95 47.77
CA GLY B 25 -51.16 17.62 48.34
C GLY B 25 -50.99 16.57 47.26
N PRO B 26 -50.62 15.34 47.64
CA PRO B 26 -50.42 14.18 46.76
C PRO B 26 -51.55 13.93 45.78
N ALA B 27 -52.71 13.54 46.31
CA ALA B 27 -53.86 13.27 45.45
C ALA B 27 -54.05 14.43 44.49
N GLU B 28 -53.82 15.65 44.99
CA GLU B 28 -53.95 16.84 44.16
C GLU B 28 -52.94 16.76 43.03
N VAL B 29 -51.66 16.81 43.39
CA VAL B 29 -50.57 16.72 42.43
C VAL B 29 -50.79 15.55 41.48
N TRP B 30 -51.35 14.47 42.02
CA TRP B 30 -51.61 13.28 41.23
C TRP B 30 -52.67 13.49 40.17
N THR B 31 -53.78 14.11 40.55
CA THR B 31 -54.86 14.35 39.61
C THR B 31 -54.38 15.32 38.56
N SER B 32 -53.49 16.23 38.95
CA SER B 32 -52.94 17.20 38.03
C SER B 32 -52.02 16.59 36.99
N ARG B 33 -51.21 15.62 37.42
CA ARG B 33 -50.29 14.93 36.54
C ARG B 33 -51.10 14.14 35.50
N GLN B 34 -52.19 13.53 35.95
CA GLN B 34 -53.02 12.76 35.03
C GLN B 34 -53.63 13.73 34.03
N ALA B 35 -54.13 14.85 34.54
CA ALA B 35 -54.74 15.86 33.67
C ALA B 35 -53.71 16.36 32.67
N LEU B 36 -52.49 16.60 33.13
CA LEU B 36 -51.41 17.07 32.26
C LEU B 36 -51.16 16.04 31.16
N GLN B 37 -50.96 14.79 31.55
CA GLN B 37 -50.71 13.71 30.60
C GLN B 37 -51.80 13.65 29.55
N ASP B 38 -53.03 13.49 30.02
CA ASP B 38 -54.16 13.40 29.11
C ASP B 38 -54.22 14.61 28.21
N LEU B 39 -54.05 15.79 28.80
CA LEU B 39 -54.10 17.02 28.04
C LEU B 39 -53.03 17.04 26.94
N TYR B 40 -51.78 16.75 27.30
CA TYR B 40 -50.71 16.75 26.32
C TYR B 40 -50.94 15.69 25.26
N GLN B 41 -51.53 14.56 25.65
CA GLN B 41 -51.83 13.50 24.71
C GLN B 41 -52.84 13.96 23.67
N LYS B 42 -53.87 14.65 24.13
CA LYS B 42 -54.91 15.14 23.26
C LYS B 42 -54.34 16.12 22.24
N MET B 43 -53.41 16.96 22.68
CA MET B 43 -52.80 17.92 21.78
C MET B 43 -52.03 17.19 20.67
N LEU B 44 -51.19 16.23 21.09
CA LEU B 44 -50.40 15.44 20.15
C LEU B 44 -51.29 14.70 19.16
N VAL B 45 -52.40 14.20 19.67
CA VAL B 45 -53.32 13.45 18.84
C VAL B 45 -54.23 14.30 17.96
N THR B 46 -54.70 15.45 18.47
CA THR B 46 -55.61 16.29 17.67
C THR B 46 -54.90 17.30 16.77
N ASP B 47 -53.73 17.79 17.16
CA ASP B 47 -53.02 18.76 16.34
C ASP B 47 -51.50 18.63 16.51
N LEU B 48 -50.97 17.50 16.06
CA LEU B 48 -49.56 17.18 16.15
C LEU B 48 -48.65 18.32 15.72
N GLU B 49 -48.87 18.84 14.50
CA GLU B 49 -48.04 19.93 13.99
C GLU B 49 -47.91 21.06 15.01
N TYR B 50 -49.03 21.43 15.64
CA TYR B 50 -49.04 22.49 16.63
C TYR B 50 -48.34 22.03 17.91
N ALA B 51 -48.63 20.80 18.32
CA ALA B 51 -48.06 20.24 19.53
C ALA B 51 -46.54 20.21 19.45
N LEU B 52 -46.03 19.67 18.35
CA LEU B 52 -44.59 19.59 18.18
C LEU B 52 -44.02 21.00 18.19
N ASP B 53 -44.58 21.87 17.36
CA ASP B 53 -44.13 23.25 17.29
C ASP B 53 -44.07 23.87 18.68
N LYS B 54 -44.95 23.44 19.58
CA LYS B 54 -44.96 23.98 20.94
C LYS B 54 -44.15 23.13 21.91
N LYS B 55 -43.41 22.16 21.38
CA LYS B 55 -42.58 21.26 22.18
C LYS B 55 -43.38 20.53 23.26
N VAL B 56 -44.59 20.13 22.89
CA VAL B 56 -45.49 19.42 23.79
C VAL B 56 -44.90 18.06 24.19
N GLU B 57 -44.36 17.30 23.23
CA GLU B 57 -43.77 16.02 23.53
C GLU B 57 -42.63 16.16 24.56
N GLN B 58 -41.90 17.25 24.48
CA GLN B 58 -40.80 17.49 25.43
C GLN B 58 -41.29 17.87 26.84
N ASP B 59 -42.31 18.73 26.93
CA ASP B 59 -42.83 19.10 28.24
C ASP B 59 -43.52 17.91 28.89
N LEU B 60 -44.16 17.10 28.07
CA LEU B 60 -44.84 15.92 28.55
C LEU B 60 -43.84 15.03 29.28
N TRP B 61 -42.74 14.75 28.61
CA TRP B 61 -41.72 13.89 29.16
C TRP B 61 -41.16 14.42 30.48
N ASN B 62 -40.60 15.63 30.43
CA ASN B 62 -39.99 16.24 31.61
C ASN B 62 -40.87 16.58 32.80
N HIS B 63 -41.96 17.30 32.55
CA HIS B 63 -42.86 17.73 33.62
C HIS B 63 -43.76 16.66 34.18
N ALA B 64 -44.09 15.65 33.39
CA ALA B 64 -44.97 14.59 33.87
C ALA B 64 -44.24 13.32 34.31
N PHE B 65 -43.04 13.08 33.78
CA PHE B 65 -42.29 11.88 34.14
C PHE B 65 -40.84 12.09 34.56
N LYS B 66 -40.03 12.54 33.61
CA LYS B 66 -38.61 12.71 33.85
C LYS B 66 -38.19 13.40 35.14
N ASN B 67 -38.82 14.51 35.50
CA ASN B 67 -38.43 15.20 36.73
C ASN B 67 -38.62 14.34 37.98
N GLN B 68 -39.78 13.72 38.11
CA GLN B 68 -40.02 12.88 39.28
C GLN B 68 -39.08 11.67 39.26
N ILE B 69 -38.86 11.10 38.09
CA ILE B 69 -37.97 9.95 37.98
C ILE B 69 -36.59 10.32 38.50
N THR B 70 -36.03 11.41 37.96
CA THR B 70 -34.71 11.87 38.37
C THR B 70 -34.69 12.18 39.86
N THR B 71 -35.81 12.65 40.39
CA THR B 71 -35.92 12.97 41.80
C THR B 71 -35.99 11.73 42.67
N LEU B 72 -36.53 10.64 42.13
CA LEU B 72 -36.66 9.40 42.88
C LEU B 72 -35.41 8.56 42.73
N GLN B 73 -34.83 8.54 41.53
CA GLN B 73 -33.60 7.76 41.31
C GLN B 73 -32.57 8.20 42.34
N GLY B 74 -32.25 9.48 42.36
CA GLY B 74 -31.30 10.02 43.31
C GLY B 74 -31.64 9.63 44.74
N GLN B 75 -32.84 9.97 45.21
CA GLN B 75 -33.24 9.61 46.57
C GLN B 75 -33.11 8.10 46.80
N ALA B 76 -33.23 7.33 45.73
CA ALA B 76 -33.14 5.89 45.83
C ALA B 76 -31.71 5.38 45.96
N LYS B 77 -30.74 6.27 45.79
CA LYS B 77 -29.35 5.86 45.90
C LYS B 77 -28.54 6.83 46.74
N ASN B 78 -28.93 7.03 47.98
CA ASN B 78 -28.18 7.95 48.81
C ASN B 78 -28.45 7.64 50.27
N ARG B 79 -27.65 6.76 50.89
CA ARG B 79 -27.88 6.46 52.29
C ARG B 79 -27.54 7.66 53.16
N ALA B 80 -28.52 8.55 53.12
CA ALA B 80 -28.60 9.81 53.82
C ALA B 80 -30.11 9.86 53.74
N ASN B 81 -30.61 8.87 53.02
CA ASN B 81 -32.04 8.64 52.76
C ASN B 81 -32.34 7.32 53.47
N PRO B 82 -33.04 7.39 54.61
CA PRO B 82 -33.38 6.18 55.38
C PRO B 82 -34.53 5.42 54.72
N ASN B 83 -35.45 6.17 54.11
CA ASN B 83 -36.61 5.58 53.45
C ASN B 83 -36.19 4.90 52.15
N ARG B 84 -34.95 5.17 51.76
CA ARG B 84 -34.31 4.63 50.56
C ARG B 84 -35.09 3.53 49.82
N SER B 85 -35.39 2.45 50.54
CA SER B 85 -36.10 1.30 50.00
C SER B 85 -37.55 1.54 49.60
N GLU B 86 -38.30 2.28 50.42
CA GLU B 86 -39.70 2.54 50.06
C GLU B 86 -39.75 3.50 48.88
N VAL B 87 -38.61 4.13 48.60
CA VAL B 87 -38.52 5.06 47.48
C VAL B 87 -38.28 4.29 46.18
N GLN B 88 -37.59 3.16 46.29
CA GLN B 88 -37.33 2.33 45.12
C GLN B 88 -38.64 1.66 44.71
N ALA B 89 -39.37 1.14 45.69
CA ALA B 89 -40.65 0.50 45.44
C ALA B 89 -41.54 1.52 44.75
N ASN B 90 -41.51 2.74 45.27
CA ASN B 90 -42.29 3.83 44.74
C ASN B 90 -41.77 4.23 43.34
N LEU B 91 -40.46 4.18 43.13
CA LEU B 91 -39.91 4.51 41.82
C LEU B 91 -40.34 3.45 40.79
N SER B 92 -40.33 2.20 41.20
CA SER B 92 -40.74 1.10 40.35
C SER B 92 -42.18 1.22 39.87
N LEU B 93 -43.10 1.47 40.80
CA LEU B 93 -44.48 1.63 40.39
C LEU B 93 -44.62 2.80 39.43
N PHE B 94 -43.86 3.86 39.67
CA PHE B 94 -43.95 5.05 38.83
C PHE B 94 -43.48 4.76 37.40
N LEU B 95 -42.41 3.98 37.27
CA LEU B 95 -41.87 3.65 35.97
C LEU B 95 -42.84 2.77 35.18
N GLU B 96 -43.51 1.86 35.88
CA GLU B 96 -44.47 0.96 35.24
C GLU B 96 -45.63 1.78 34.68
N ALA B 97 -46.10 2.72 35.52
CA ALA B 97 -47.19 3.57 35.11
C ALA B 97 -46.72 4.30 33.89
N ALA B 98 -45.51 4.85 33.99
CA ALA B 98 -44.91 5.58 32.89
C ALA B 98 -44.90 4.72 31.64
N SER B 99 -44.42 3.50 31.78
CA SER B 99 -44.36 2.59 30.63
C SER B 99 -45.75 2.35 30.07
N GLY B 100 -46.73 2.28 30.96
CA GLY B 100 -48.09 2.05 30.53
C GLY B 100 -48.62 3.26 29.78
N PHE B 101 -48.25 4.44 30.25
CA PHE B 101 -48.71 5.65 29.58
C PHE B 101 -48.17 5.72 28.16
N TYR B 102 -46.85 5.63 27.99
CA TYR B 102 -46.30 5.72 26.65
C TYR B 102 -46.72 4.62 25.69
N THR B 103 -46.96 3.42 26.21
CA THR B 103 -47.40 2.31 25.36
C THR B 103 -48.77 2.68 24.78
N GLN B 104 -49.65 3.11 25.67
CA GLN B 104 -50.99 3.53 25.30
C GLN B 104 -50.95 4.78 24.41
N LEU B 105 -49.95 5.63 24.61
CA LEU B 105 -49.80 6.83 23.79
C LEU B 105 -49.36 6.46 22.37
N LEU B 106 -48.41 5.53 22.25
CA LEU B 106 -47.95 5.14 20.93
C LEU B 106 -49.08 4.51 20.13
N GLN B 107 -49.88 3.68 20.78
CA GLN B 107 -50.99 3.01 20.13
C GLN B 107 -51.92 4.04 19.47
N GLU B 108 -52.23 5.10 20.22
CA GLU B 108 -53.10 6.15 19.70
C GLU B 108 -52.47 6.87 18.50
N LEU B 109 -51.26 7.41 18.70
CA LEU B 109 -50.59 8.11 17.62
C LEU B 109 -50.41 7.24 16.39
N CYS B 110 -50.13 5.96 16.60
CA CYS B 110 -49.96 5.04 15.47
C CYS B 110 -51.23 4.83 14.68
N THR B 111 -52.34 4.57 15.37
CA THR B 111 -53.59 4.34 14.68
C THR B 111 -54.13 5.63 14.08
N VAL B 112 -54.25 6.67 14.91
CA VAL B 112 -54.74 7.95 14.41
C VAL B 112 -53.97 8.31 13.15
N PHE B 113 -52.67 8.56 13.31
CA PHE B 113 -51.83 8.88 12.16
C PHE B 113 -51.34 7.54 11.63
N ASN B 114 -51.87 7.10 10.49
CA ASN B 114 -51.45 5.83 9.94
C ASN B 114 -49.95 5.70 9.85
N VAL B 115 -49.43 4.76 10.63
CA VAL B 115 -48.01 4.46 10.69
C VAL B 115 -47.94 2.95 10.87
N ASP B 116 -47.53 2.24 9.83
CA ASP B 116 -47.47 0.78 9.89
C ASP B 116 -46.46 0.25 10.91
N LEU B 117 -46.09 1.09 11.88
CA LEU B 117 -45.16 0.71 12.94
C LEU B 117 -45.43 -0.77 13.26
N PRO B 118 -44.51 -1.65 12.85
CA PRO B 118 -44.48 -3.12 13.00
C PRO B 118 -45.24 -3.77 14.17
N CYS B 119 -44.46 -4.38 15.06
CA CYS B 119 -45.01 -5.08 16.22
C CYS B 119 -44.22 -4.77 17.48
N PRO B 142 -50.60 16.56 9.22
CA PRO B 142 -49.42 16.21 9.96
C PRO B 142 -48.32 16.69 9.16
N GLN B 143 -47.82 15.67 8.63
CA GLN B 143 -46.83 15.78 7.63
C GLN B 143 -46.37 14.43 7.14
N SER B 144 -46.28 13.43 8.02
CA SER B 144 -45.78 12.12 7.58
C SER B 144 -44.32 11.96 8.02
N SER B 145 -43.67 13.06 8.43
CA SER B 145 -42.34 12.91 9.01
C SER B 145 -42.55 13.24 10.47
N SER B 146 -43.58 14.04 10.73
CA SER B 146 -43.92 14.43 12.08
C SER B 146 -44.46 13.21 12.80
N CYS B 147 -45.22 12.40 12.09
CA CYS B 147 -45.78 11.18 12.67
C CYS B 147 -44.62 10.26 13.05
N SER B 148 -43.65 10.13 12.16
CA SER B 148 -42.49 9.29 12.41
C SER B 148 -41.73 9.80 13.61
N TYR B 149 -41.53 11.12 13.65
CA TYR B 149 -40.84 11.75 14.74
C TYR B 149 -41.47 11.45 16.11
N ILE B 150 -42.78 11.66 16.24
CA ILE B 150 -43.44 11.44 17.52
C ILE B 150 -43.45 9.97 17.90
N CYS B 151 -43.61 9.09 16.92
CA CYS B 151 -43.60 7.67 17.23
C CYS B 151 -42.21 7.25 17.71
N GLN B 152 -41.16 7.75 17.05
CA GLN B 152 -39.81 7.43 17.46
C GLN B 152 -39.61 7.99 18.87
N HIS B 153 -40.06 9.20 19.07
CA HIS B 153 -39.97 9.86 20.36
C HIS B 153 -40.57 8.95 21.45
N CYS B 154 -41.75 8.39 21.20
CA CYS B 154 -42.39 7.50 22.17
C CYS B 154 -41.59 6.21 22.39
N LEU B 155 -41.11 5.61 21.32
CA LEU B 155 -40.33 4.37 21.45
C LEU B 155 -39.05 4.63 22.25
N VAL B 156 -38.41 5.78 22.02
CA VAL B 156 -37.20 6.11 22.76
C VAL B 156 -37.50 6.16 24.27
N HIS B 157 -38.50 6.94 24.67
CA HIS B 157 -38.79 7.02 26.10
C HIS B 157 -39.23 5.67 26.67
N LEU B 158 -39.90 4.88 25.85
CA LEU B 158 -40.32 3.56 26.26
C LEU B 158 -39.00 2.82 26.52
N GLY B 159 -37.99 3.14 25.69
CA GLY B 159 -36.67 2.55 25.83
C GLY B 159 -35.99 3.02 27.11
N ASP B 160 -36.12 4.31 27.39
CA ASP B 160 -35.54 4.91 28.58
C ASP B 160 -36.16 4.29 29.83
N ILE B 161 -37.47 4.12 29.79
CA ILE B 161 -38.17 3.57 30.93
C ILE B 161 -37.69 2.16 31.23
N ALA B 162 -37.56 1.34 30.19
CA ALA B 162 -37.10 -0.02 30.37
C ALA B 162 -35.72 0.00 31.02
N ARG B 163 -34.85 0.90 30.57
CA ARG B 163 -33.52 1.03 31.13
C ARG B 163 -33.64 1.33 32.61
N TYR B 164 -34.44 2.34 32.94
CA TYR B 164 -34.64 2.74 34.33
C TYR B 164 -35.11 1.57 35.18
N ARG B 165 -35.84 0.65 34.55
CA ARG B 165 -36.37 -0.53 35.24
C ARG B 165 -35.38 -1.67 35.13
N ASN B 166 -34.25 -1.39 34.48
CA ASN B 166 -33.21 -2.38 34.28
C ASN B 166 -33.69 -3.60 33.52
N GLN B 167 -34.45 -3.37 32.45
CA GLN B 167 -34.93 -4.44 31.60
C GLN B 167 -34.15 -4.31 30.28
N THR B 168 -32.83 -4.35 30.44
CA THR B 168 -31.87 -4.23 29.35
C THR B 168 -32.30 -4.75 27.99
N SER B 169 -32.89 -5.94 27.96
CA SER B 169 -33.30 -6.51 26.70
C SER B 169 -34.50 -5.79 26.07
N GLN B 170 -35.49 -5.43 26.87
CA GLN B 170 -36.67 -4.72 26.35
C GLN B 170 -36.24 -3.35 25.82
N ALA B 171 -35.26 -2.76 26.49
CA ALA B 171 -34.72 -1.46 26.13
C ALA B 171 -34.01 -1.47 24.79
N GLU B 172 -33.27 -2.54 24.50
CA GLU B 172 -32.55 -2.61 23.23
C GLU B 172 -33.57 -2.72 22.10
N SER B 173 -34.62 -3.49 22.34
CA SER B 173 -35.66 -3.68 21.34
C SER B 173 -36.36 -2.38 20.97
N TYR B 174 -36.70 -1.59 21.97
CA TYR B 174 -37.37 -0.32 21.77
C TYR B 174 -36.49 0.66 20.98
N TYR B 175 -35.24 0.79 21.41
CA TYR B 175 -34.29 1.68 20.77
C TYR B 175 -34.06 1.30 19.32
N ARG B 176 -34.06 0.00 19.03
CA ARG B 176 -33.86 -0.43 17.66
C ARG B 176 -35.06 -0.02 16.84
N HIS B 177 -36.27 -0.39 17.29
CA HIS B 177 -37.49 -0.03 16.57
C HIS B 177 -37.56 1.47 16.38
N ALA B 178 -37.08 2.22 17.36
CA ALA B 178 -37.12 3.67 17.27
C ALA B 178 -36.14 4.14 16.20
N ALA B 179 -34.98 3.51 16.18
CA ALA B 179 -33.93 3.86 15.24
C ALA B 179 -34.43 3.76 13.80
N GLN B 180 -35.26 2.76 13.55
CA GLN B 180 -35.81 2.55 12.22
C GLN B 180 -36.70 3.69 11.71
N LEU B 181 -37.55 4.24 12.57
CA LEU B 181 -38.46 5.30 12.14
C LEU B 181 -37.81 6.56 11.59
N VAL B 182 -36.70 6.97 12.20
CA VAL B 182 -35.98 8.15 11.76
C VAL B 182 -34.48 7.89 11.89
N PRO B 183 -33.90 7.19 10.91
CA PRO B 183 -32.46 6.84 10.87
C PRO B 183 -31.58 8.06 11.07
N SER B 184 -32.00 9.17 10.48
CA SER B 184 -31.26 10.42 10.57
C SER B 184 -30.90 10.75 12.02
N ASN B 185 -31.76 10.36 12.94
CA ASN B 185 -31.57 10.64 14.36
C ASN B 185 -30.50 9.74 14.94
N GLY B 186 -29.40 10.36 15.36
CA GLY B 186 -28.30 9.59 15.92
C GLY B 186 -28.38 9.34 17.42
N GLN B 187 -29.45 9.82 18.03
CA GLN B 187 -29.64 9.69 19.47
C GLN B 187 -29.92 8.23 19.92
N PRO B 188 -30.81 7.52 19.22
CA PRO B 188 -31.07 6.14 19.65
C PRO B 188 -29.84 5.20 19.61
N TYR B 189 -29.00 5.34 18.60
CA TYR B 189 -27.82 4.48 18.50
C TYR B 189 -26.91 4.63 19.71
N ASN B 190 -26.72 5.86 20.18
CA ASN B 190 -25.88 6.10 21.35
C ASN B 190 -26.40 5.31 22.55
N GLN B 191 -27.72 5.21 22.69
CA GLN B 191 -28.29 4.47 23.81
C GLN B 191 -27.97 2.99 23.61
N LEU B 192 -28.11 2.53 22.37
CA LEU B 192 -27.81 1.16 22.02
C LEU B 192 -26.36 0.81 22.32
N ALA B 193 -25.47 1.78 22.19
CA ALA B 193 -24.07 1.58 22.47
C ALA B 193 -23.84 1.47 23.99
N ILE B 194 -24.46 2.37 24.76
CA ILE B 194 -24.31 2.36 26.22
C ILE B 194 -24.80 0.99 26.68
N LEU B 195 -25.87 0.53 26.05
CA LEU B 195 -26.46 -0.74 26.38
C LEU B 195 -25.52 -1.89 26.03
N ALA B 196 -24.89 -1.83 24.88
CA ALA B 196 -23.98 -2.90 24.48
C ALA B 196 -22.77 -2.91 25.39
N SER B 197 -22.34 -1.74 25.80
CA SER B 197 -21.18 -1.65 26.68
C SER B 197 -21.45 -2.34 28.00
N SER B 198 -22.65 -2.15 28.54
CA SER B 198 -23.04 -2.76 29.81
C SER B 198 -22.93 -4.28 29.74
N LYS B 199 -23.17 -4.85 28.57
CA LYS B 199 -23.10 -6.30 28.41
C LYS B 199 -21.69 -6.75 28.08
N GLY B 200 -20.78 -5.80 27.94
CA GLY B 200 -19.40 -6.13 27.60
C GLY B 200 -19.18 -6.33 26.10
N ASP B 201 -20.21 -6.07 25.29
CA ASP B 201 -20.09 -6.23 23.84
C ASP B 201 -19.38 -5.03 23.22
N HIS B 202 -18.05 -5.11 23.16
CA HIS B 202 -17.22 -4.05 22.62
C HIS B 202 -17.42 -3.70 21.15
N LEU B 203 -17.36 -4.70 20.28
CA LEU B 203 -17.52 -4.47 18.85
C LEU B 203 -18.86 -3.77 18.58
N THR B 204 -19.93 -4.27 19.21
CA THR B 204 -21.26 -3.69 19.02
C THR B 204 -21.32 -2.27 19.57
N THR B 205 -20.65 -2.06 20.71
CA THR B 205 -20.63 -0.74 21.32
C THR B 205 -20.01 0.24 20.36
N ILE B 206 -18.81 -0.05 19.91
CA ILE B 206 -18.10 0.84 18.98
C ILE B 206 -18.92 1.10 17.74
N PHE B 207 -19.45 0.03 17.17
CA PHE B 207 -20.28 0.14 15.99
C PHE B 207 -21.39 1.19 16.23
N TYR B 208 -22.11 1.03 17.34
CA TYR B 208 -23.20 1.95 17.65
C TYR B 208 -22.76 3.39 17.88
N TYR B 209 -21.64 3.60 18.59
CA TYR B 209 -21.17 4.97 18.78
C TYR B 209 -20.93 5.56 17.39
N CYS B 210 -20.33 4.78 16.50
CA CYS B 210 -20.08 5.26 15.14
C CYS B 210 -21.40 5.58 14.43
N ARG B 211 -22.42 4.77 14.65
CA ARG B 211 -23.73 5.02 14.00
C ARG B 211 -24.34 6.31 14.53
N SER B 212 -24.18 6.54 15.83
CA SER B 212 -24.71 7.72 16.46
C SER B 212 -24.04 8.98 15.97
N ILE B 213 -22.82 8.83 15.46
CA ILE B 213 -22.08 9.99 14.98
C ILE B 213 -22.21 10.22 13.47
N ALA B 214 -22.26 9.14 12.69
CA ALA B 214 -22.34 9.26 11.24
C ALA B 214 -23.74 9.48 10.65
N VAL B 215 -24.51 10.39 11.24
CA VAL B 215 -25.82 10.69 10.70
C VAL B 215 -25.94 12.17 10.34
N LYS B 216 -27.11 12.56 9.82
CA LYS B 216 -27.32 13.95 9.47
C LYS B 216 -27.54 14.73 10.75
N PHE B 217 -27.86 14.03 11.83
CA PHE B 217 -28.09 14.68 13.11
C PHE B 217 -27.45 13.88 14.23
N PRO B 218 -26.11 13.89 14.27
CA PRO B 218 -25.31 13.18 15.27
C PRO B 218 -25.66 13.55 16.69
N PHE B 219 -25.63 12.57 17.58
CA PHE B 219 -25.89 12.85 18.97
C PHE B 219 -24.55 13.31 19.53
N PRO B 220 -24.43 14.60 19.88
CA PRO B 220 -23.19 15.14 20.40
C PRO B 220 -22.40 14.23 21.33
N ALA B 221 -23.01 13.79 22.42
CA ALA B 221 -22.35 12.92 23.39
C ALA B 221 -21.67 11.68 22.80
N ALA B 222 -22.17 11.20 21.66
CA ALA B 222 -21.59 10.02 21.02
C ALA B 222 -20.09 10.21 20.76
N SER B 223 -19.72 11.33 20.15
CA SER B 223 -18.31 11.60 19.85
C SER B 223 -17.45 11.55 21.11
N THR B 224 -17.97 12.13 22.19
CA THR B 224 -17.24 12.17 23.44
C THR B 224 -17.10 10.79 24.05
N ASN B 225 -18.13 9.98 23.91
CA ASN B 225 -18.11 8.62 24.45
C ASN B 225 -17.15 7.73 23.68
N LEU B 226 -17.25 7.78 22.35
CA LEU B 226 -16.36 7.00 21.50
C LEU B 226 -14.94 7.33 21.90
N GLN B 227 -14.62 8.62 21.85
CA GLN B 227 -13.28 9.08 22.20
C GLN B 227 -12.83 8.54 23.56
N LYS B 228 -13.78 8.42 24.50
CA LYS B 228 -13.47 7.93 25.83
C LYS B 228 -13.27 6.41 25.80
N ALA B 229 -14.09 5.73 25.00
CA ALA B 229 -14.01 4.29 24.88
C ALA B 229 -12.72 3.88 24.18
N LEU B 230 -12.24 4.71 23.26
CA LEU B 230 -11.02 4.40 22.55
C LEU B 230 -9.76 4.65 23.39
N SER B 231 -9.71 5.78 24.10
CA SER B 231 -8.57 6.07 24.96
C SER B 231 -8.43 4.98 26.00
N LYS B 232 -9.54 4.36 26.39
CA LYS B 232 -9.48 3.29 27.38
C LYS B 232 -8.92 2.04 26.72
N ALA B 233 -9.45 1.70 25.55
CA ALA B 233 -8.99 0.52 24.83
C ALA B 233 -7.50 0.65 24.60
N LEU B 234 -7.03 1.88 24.42
CA LEU B 234 -5.62 2.14 24.18
C LEU B 234 -4.75 2.09 25.43
N GLU B 235 -5.36 1.77 26.57
CA GLU B 235 -4.61 1.68 27.82
C GLU B 235 -4.03 0.27 27.96
N SER B 236 -4.55 -0.66 27.17
CA SER B 236 -4.08 -2.02 27.22
C SER B 236 -2.77 -2.13 26.44
N ARG B 237 -1.91 -3.07 26.83
CA ARG B 237 -0.63 -3.26 26.15
C ARG B 237 -0.85 -4.13 24.92
N ASP B 238 0.13 -4.14 24.01
CA ASP B 238 0.02 -4.94 22.79
C ASP B 238 -0.26 -6.42 23.07
N GLU B 239 -1.04 -7.05 22.20
CA GLU B 239 -1.36 -8.45 22.39
C GLU B 239 -0.10 -9.30 22.27
N VAL B 240 0.31 -9.90 23.38
CA VAL B 240 1.51 -10.74 23.40
C VAL B 240 1.31 -12.02 22.59
N LYS B 241 0.07 -12.53 22.56
CA LYS B 241 -0.22 -13.75 21.83
C LYS B 241 0.04 -13.61 20.33
N THR B 242 0.52 -14.70 19.72
CA THR B 242 0.84 -14.74 18.31
C THR B 242 -0.32 -15.32 17.49
N LYS B 243 -1.16 -16.09 18.16
CA LYS B 243 -2.33 -16.68 17.53
C LYS B 243 -3.49 -16.11 18.34
N TRP B 244 -4.28 -15.25 17.69
CA TRP B 244 -5.39 -14.58 18.35
C TRP B 244 -6.71 -15.34 18.39
N GLY B 245 -7.48 -15.04 19.43
CA GLY B 245 -8.81 -15.61 19.58
C GLY B 245 -9.72 -14.51 19.03
N VAL B 246 -11.01 -14.80 18.90
CA VAL B 246 -11.97 -13.83 18.37
C VAL B 246 -11.93 -12.54 19.17
N SER B 247 -11.89 -12.69 20.49
CA SER B 247 -11.84 -11.55 21.39
C SER B 247 -10.56 -10.73 21.25
N ASP B 248 -9.42 -11.40 21.10
CA ASP B 248 -8.17 -10.67 20.95
C ASP B 248 -8.26 -9.85 19.67
N PHE B 249 -8.74 -10.48 18.61
CA PHE B 249 -8.91 -9.82 17.33
C PHE B 249 -9.76 -8.56 17.49
N ILE B 250 -10.99 -8.75 17.99
CA ILE B 250 -11.89 -7.62 18.18
C ILE B 250 -11.23 -6.53 18.98
N LYS B 251 -10.55 -6.92 20.05
CA LYS B 251 -9.87 -5.95 20.91
C LYS B 251 -8.80 -5.21 20.11
N ALA B 252 -7.98 -5.97 19.38
CA ALA B 252 -6.92 -5.38 18.55
C ALA B 252 -7.48 -4.47 17.46
N PHE B 253 -8.61 -4.86 16.87
CA PHE B 253 -9.23 -4.06 15.82
C PHE B 253 -9.70 -2.71 16.39
N ILE B 254 -10.32 -2.77 17.56
CA ILE B 254 -10.80 -1.56 18.23
C ILE B 254 -9.64 -0.62 18.55
N LYS B 255 -8.50 -1.16 18.98
CA LYS B 255 -7.35 -0.32 19.29
C LYS B 255 -6.82 0.37 18.04
N PHE B 256 -6.90 -0.33 16.90
CA PHE B 256 -6.43 0.24 15.66
C PHE B 256 -7.23 1.52 15.41
N HIS B 257 -8.56 1.43 15.46
CA HIS B 257 -9.38 2.60 15.25
C HIS B 257 -9.15 3.62 16.34
N GLY B 258 -8.73 3.14 17.50
CA GLY B 258 -8.44 4.06 18.59
C GLY B 258 -7.28 4.94 18.14
N HIS B 259 -6.22 4.30 17.66
CA HIS B 259 -5.04 5.03 17.19
C HIS B 259 -5.40 6.06 16.12
N VAL B 260 -6.13 5.64 15.10
CA VAL B 260 -6.52 6.54 14.03
C VAL B 260 -7.41 7.68 14.52
N TYR B 261 -8.53 7.31 15.15
CA TYR B 261 -9.47 8.31 15.65
C TYR B 261 -8.86 9.35 16.60
N LEU B 262 -7.91 8.92 17.42
CA LEU B 262 -7.26 9.83 18.36
C LEU B 262 -5.89 10.34 17.89
N SER B 263 -5.45 9.87 16.72
CA SER B 263 -4.13 10.28 16.20
C SER B 263 -3.07 10.13 17.28
N LYS B 264 -3.10 9.01 18.01
CA LYS B 264 -2.13 8.79 19.07
C LYS B 264 -1.33 7.52 18.83
N SER B 265 -0.05 7.57 19.19
CA SER B 265 0.87 6.45 19.03
C SER B 265 0.68 5.71 17.72
N LEU B 266 0.69 6.47 16.62
CA LEU B 266 0.50 5.90 15.30
C LEU B 266 1.57 4.88 14.91
N GLU B 267 2.67 4.83 15.65
CA GLU B 267 3.76 3.90 15.35
C GLU B 267 3.30 2.45 15.42
N LYS B 268 2.11 2.26 15.96
CA LYS B 268 1.56 0.94 16.14
C LYS B 268 0.88 0.38 14.89
N LEU B 269 0.28 1.27 14.10
CA LEU B 269 -0.47 0.87 12.91
C LEU B 269 0.13 -0.13 11.94
N SER B 270 1.28 0.17 11.35
CA SER B 270 1.88 -0.75 10.38
C SER B 270 1.86 -2.20 10.86
N PRO B 271 2.57 -2.50 11.95
CA PRO B 271 2.61 -3.87 12.48
C PRO B 271 1.20 -4.40 12.81
N LEU B 272 0.34 -3.51 13.27
CA LEU B 272 -1.01 -3.89 13.67
C LEU B 272 -1.85 -4.26 12.45
N ARG B 273 -1.72 -3.46 11.40
CA ARG B 273 -2.45 -3.73 10.18
C ARG B 273 -2.09 -5.12 9.69
N GLU B 274 -0.78 -5.39 9.57
CA GLU B 274 -0.34 -6.68 9.10
C GLU B 274 -0.87 -7.83 9.95
N LYS B 275 -0.70 -7.72 11.26
CA LYS B 275 -1.15 -8.75 12.17
C LYS B 275 -2.66 -8.91 12.09
N LEU B 276 -3.35 -7.78 12.05
CA LEU B 276 -4.80 -7.80 11.95
C LEU B 276 -5.25 -8.52 10.68
N GLU B 277 -4.60 -8.24 9.55
CA GLU B 277 -5.05 -8.93 8.37
C GLU B 277 -4.68 -10.40 8.35
N GLU B 278 -3.55 -10.79 8.95
CA GLU B 278 -3.23 -12.21 8.97
C GLU B 278 -4.20 -12.92 9.92
N GLN B 279 -4.46 -12.33 11.09
CA GLN B 279 -5.39 -12.94 12.04
C GLN B 279 -6.81 -12.96 11.52
N PHE B 280 -7.22 -11.90 10.84
CA PHE B 280 -8.57 -11.81 10.28
C PHE B 280 -8.83 -12.93 9.27
N LYS B 281 -7.79 -13.28 8.51
CA LYS B 281 -7.91 -14.33 7.51
C LYS B 281 -8.12 -15.71 8.14
N GLU B 282 -7.30 -16.07 9.13
CA GLU B 282 -7.43 -17.37 9.76
C GLU B 282 -8.77 -17.46 10.51
N LEU B 283 -9.11 -16.38 11.22
CA LEU B 283 -10.35 -16.34 11.98
C LEU B 283 -11.58 -16.43 11.09
N LEU B 284 -11.61 -15.62 10.05
CA LEU B 284 -12.75 -15.62 9.15
C LEU B 284 -13.00 -17.01 8.59
N PHE B 285 -11.93 -17.66 8.14
CA PHE B 285 -12.09 -18.98 7.55
C PHE B 285 -12.37 -20.04 8.61
N GLN B 286 -12.02 -19.75 9.86
CA GLN B 286 -12.30 -20.69 10.94
C GLN B 286 -13.62 -20.36 11.62
N LYS B 287 -14.45 -19.57 10.91
CA LYS B 287 -15.78 -19.17 11.35
C LYS B 287 -15.93 -18.49 12.72
N ALA B 288 -15.01 -17.63 13.08
CA ALA B 288 -15.11 -16.95 14.36
C ALA B 288 -16.19 -15.87 14.32
N PHE B 289 -16.54 -15.38 13.13
CA PHE B 289 -17.55 -14.33 13.03
C PHE B 289 -18.81 -14.72 12.25
N ASN B 290 -19.93 -14.10 12.59
CA ASN B 290 -21.16 -14.32 11.83
C ASN B 290 -21.24 -13.07 10.95
N SER B 291 -22.06 -13.09 9.91
CA SER B 291 -22.19 -11.95 9.00
C SER B 291 -22.38 -10.59 9.66
N GLN B 292 -23.14 -10.55 10.76
CA GLN B 292 -23.39 -9.31 11.49
C GLN B 292 -22.15 -8.67 12.10
N GLN B 293 -21.23 -9.48 12.57
CA GLN B 293 -19.99 -8.98 13.17
C GLN B 293 -19.10 -8.43 12.07
N LEU B 294 -19.15 -9.06 10.91
CA LEU B 294 -18.36 -8.64 9.78
C LEU B 294 -18.91 -7.30 9.28
N VAL B 295 -20.24 -7.18 9.25
CA VAL B 295 -20.86 -5.93 8.83
C VAL B 295 -20.43 -4.85 9.81
N HIS B 296 -20.37 -5.18 11.09
CA HIS B 296 -19.94 -4.21 12.09
C HIS B 296 -18.50 -3.76 11.79
N VAL B 297 -17.61 -4.74 11.72
CA VAL B 297 -16.21 -4.51 11.41
C VAL B 297 -16.06 -3.59 10.19
N THR B 298 -16.81 -3.87 9.13
CA THR B 298 -16.75 -3.11 7.90
C THR B 298 -17.32 -1.70 8.05
N VAL B 299 -18.40 -1.57 8.81
CA VAL B 299 -19.01 -0.26 9.02
C VAL B 299 -18.10 0.65 9.87
N ILE B 300 -17.35 0.06 10.78
CA ILE B 300 -16.46 0.86 11.61
C ILE B 300 -15.29 1.33 10.72
N ASN B 301 -14.93 0.51 9.74
CA ASN B 301 -13.86 0.86 8.82
C ASN B 301 -14.36 2.02 7.96
N LEU B 302 -15.55 1.86 7.39
CA LEU B 302 -16.13 2.90 6.56
C LEU B 302 -16.25 4.15 7.41
N PHE B 303 -16.75 4.00 8.64
CA PHE B 303 -16.88 5.15 9.50
C PHE B 303 -15.60 5.97 9.49
N GLN B 304 -14.50 5.32 9.91
CA GLN B 304 -13.18 5.99 9.97
C GLN B 304 -12.74 6.56 8.65
N LEU B 305 -12.93 5.77 7.59
CA LEU B 305 -12.54 6.23 6.27
C LEU B 305 -13.25 7.55 6.00
N HIS B 306 -14.58 7.53 6.09
CA HIS B 306 -15.40 8.71 5.85
C HIS B 306 -15.04 9.85 6.79
N HIS B 307 -14.70 9.50 8.03
CA HIS B 307 -14.32 10.50 9.02
C HIS B 307 -12.97 11.14 8.70
N LEU B 308 -12.17 10.48 7.87
CA LEU B 308 -10.86 11.02 7.49
C LEU B 308 -10.99 11.79 6.18
N ARG B 309 -11.80 11.26 5.27
CA ARG B 309 -11.98 11.92 3.97
C ARG B 309 -13.38 11.63 3.48
N ASP B 310 -14.27 12.60 3.69
CA ASP B 310 -15.66 12.47 3.29
C ASP B 310 -15.83 12.61 1.79
N PHE B 311 -17.07 12.61 1.32
CA PHE B 311 -17.36 12.73 -0.11
C PHE B 311 -16.75 13.97 -0.76
N SER B 312 -16.40 14.95 0.06
CA SER B 312 -15.79 16.18 -0.46
C SER B 312 -14.50 15.85 -1.18
N ASN B 313 -13.81 14.81 -0.70
CA ASN B 313 -12.54 14.37 -1.28
C ASN B 313 -12.67 13.86 -2.72
N GLU B 314 -13.90 13.72 -3.19
CA GLU B 314 -14.12 13.26 -4.56
C GLU B 314 -14.28 14.42 -5.53
N THR B 315 -14.61 15.61 -5.01
CA THR B 315 -14.79 16.76 -5.88
C THR B 315 -13.96 17.98 -5.52
N GLU B 316 -12.91 17.77 -4.72
CA GLU B 316 -12.03 18.87 -4.32
C GLU B 316 -10.84 18.33 -3.55
N GLN B 317 -9.65 18.70 -4.03
CA GLN B 317 -8.41 18.24 -3.42
C GLN B 317 -8.07 18.99 -2.15
N HIS B 318 -7.24 18.36 -1.33
CA HIS B 318 -6.78 19.00 -0.12
C HIS B 318 -5.52 18.36 0.37
N THR B 319 -4.80 19.10 1.19
CA THR B 319 -3.56 18.63 1.73
C THR B 319 -3.87 17.89 3.00
N TYR B 320 -2.98 16.98 3.39
CA TYR B 320 -3.18 16.23 4.60
C TYR B 320 -1.91 16.17 5.42
N SER B 321 -2.05 16.31 6.73
CA SER B 321 -0.90 16.25 7.60
C SER B 321 -0.19 14.93 7.30
N GLN B 322 1.09 14.83 7.64
CA GLN B 322 1.78 13.58 7.39
C GLN B 322 1.03 12.47 8.12
N ASP B 323 0.56 12.78 9.33
CA ASP B 323 -0.20 11.83 10.12
C ASP B 323 -1.53 11.50 9.45
N GLU B 324 -2.22 12.52 8.95
CA GLU B 324 -3.51 12.28 8.31
C GLU B 324 -3.27 11.37 7.11
N GLN B 325 -2.06 11.40 6.58
CA GLN B 325 -1.69 10.55 5.45
C GLN B 325 -1.42 9.12 5.93
N LEU B 326 -0.66 9.00 7.02
CA LEU B 326 -0.34 7.69 7.56
C LEU B 326 -1.63 6.93 7.92
N CYS B 327 -2.47 7.54 8.74
CA CYS B 327 -3.73 6.94 9.15
C CYS B 327 -4.53 6.49 7.92
N TRP B 328 -4.79 7.42 7.00
CA TRP B 328 -5.53 7.08 5.80
C TRP B 328 -4.91 5.88 5.10
N THR B 329 -3.60 5.92 4.91
CA THR B 329 -2.88 4.82 4.25
C THR B 329 -3.09 3.47 4.94
N GLN B 330 -2.90 3.43 6.25
CA GLN B 330 -3.04 2.18 6.98
C GLN B 330 -4.47 1.66 7.01
N LEU B 331 -5.42 2.58 7.18
CA LEU B 331 -6.83 2.24 7.26
C LEU B 331 -7.41 1.79 5.90
N LEU B 332 -7.14 2.57 4.86
CA LEU B 332 -7.64 2.18 3.54
C LEU B 332 -7.03 0.82 3.19
N ALA B 333 -5.78 0.62 3.57
CA ALA B 333 -5.08 -0.66 3.30
C ALA B 333 -5.75 -1.83 3.98
N LEU B 334 -5.99 -1.69 5.28
CA LEU B 334 -6.65 -2.74 6.06
C LEU B 334 -7.98 -3.07 5.37
N PHE B 335 -8.72 -2.01 5.04
CA PHE B 335 -10.01 -2.13 4.40
C PHE B 335 -9.97 -2.96 3.11
N MET B 336 -9.08 -2.60 2.18
CA MET B 336 -8.95 -3.35 0.92
C MET B 336 -8.52 -4.80 1.16
N SER B 337 -7.58 -4.99 2.07
CA SER B 337 -7.12 -6.33 2.39
C SER B 337 -8.29 -7.15 2.93
N PHE B 338 -9.07 -6.55 3.84
CA PHE B 338 -10.23 -7.23 4.42
C PHE B 338 -11.19 -7.68 3.33
N LEU B 339 -11.43 -6.78 2.37
CA LEU B 339 -12.33 -7.07 1.25
C LEU B 339 -11.83 -8.27 0.47
N GLY B 340 -10.54 -8.28 0.18
CA GLY B 340 -9.96 -9.38 -0.56
C GLY B 340 -10.17 -10.66 0.20
N ILE B 341 -9.92 -10.62 1.49
CA ILE B 341 -10.11 -11.79 2.32
C ILE B 341 -11.59 -12.21 2.32
N LEU B 342 -12.49 -11.23 2.44
CA LEU B 342 -13.91 -11.51 2.46
C LEU B 342 -14.41 -12.10 1.14
N CYS B 343 -13.88 -11.62 0.01
CA CYS B 343 -14.31 -12.15 -1.29
C CYS B 343 -13.85 -13.59 -1.50
N LYS B 344 -12.64 -13.88 -1.05
CA LYS B 344 -12.09 -15.22 -1.20
C LYS B 344 -12.78 -16.26 -0.31
N CYS B 345 -13.12 -15.85 0.91
CA CYS B 345 -13.72 -16.77 1.85
C CYS B 345 -14.84 -17.65 1.32
N PRO B 346 -15.87 -17.03 0.71
CA PRO B 346 -16.97 -17.84 0.18
C PRO B 346 -16.66 -19.09 -0.67
N LEU B 347 -15.71 -18.96 -1.59
CA LEU B 347 -15.37 -20.07 -2.46
C LEU B 347 -14.12 -20.86 -2.09
N GLN B 348 -13.79 -20.91 -0.80
CA GLN B 348 -12.60 -21.66 -0.44
C GLN B 348 -12.83 -23.12 0.00
N ASN B 349 -14.05 -23.46 0.40
CA ASN B 349 -14.34 -24.85 0.74
C ASN B 349 -15.77 -25.06 0.24
N GLU B 353 -22.81 -25.05 1.42
CA GLU B 353 -22.52 -23.79 0.72
C GLU B 353 -22.98 -22.56 1.49
N GLU B 354 -24.10 -22.66 2.20
CA GLU B 354 -24.67 -21.57 2.98
C GLU B 354 -23.90 -21.32 4.27
N SER B 355 -22.74 -21.94 4.35
CA SER B 355 -21.92 -21.80 5.53
C SER B 355 -20.61 -21.09 5.26
N TYR B 356 -19.66 -21.80 4.65
CA TYR B 356 -18.33 -21.23 4.41
C TYR B 356 -18.44 -19.95 3.63
N ASN B 357 -19.43 -19.99 3.01
CA ASN B 357 -19.97 -18.82 2.33
C ASN B 357 -21.35 -18.46 2.86
N ALA B 358 -21.54 -17.29 2.57
CA ALA B 358 -22.75 -16.56 2.80
C ALA B 358 -22.98 -15.79 4.13
N TYR B 359 -22.00 -15.82 4.96
CA TYR B 359 -21.76 -14.91 6.07
C TYR B 359 -20.98 -13.73 5.59
N PRO B 360 -20.00 -13.89 4.67
CA PRO B 360 -19.16 -12.75 4.28
C PRO B 360 -19.81 -11.80 3.27
N LEU B 361 -20.77 -12.30 2.52
CA LEU B 361 -21.41 -11.51 1.47
C LEU B 361 -21.97 -10.15 1.82
N PRO B 362 -22.60 -10.00 3.00
CA PRO B 362 -23.15 -8.69 3.35
C PRO B 362 -22.00 -7.68 3.50
N ALA B 363 -20.95 -8.09 4.19
CA ALA B 363 -19.80 -7.21 4.38
C ALA B 363 -19.15 -6.90 3.03
N VAL B 364 -19.17 -7.85 2.11
CA VAL B 364 -18.60 -7.62 0.77
C VAL B 364 -19.44 -6.56 0.05
N LYS B 365 -20.77 -6.73 0.13
CA LYS B 365 -21.68 -5.78 -0.51
C LYS B 365 -21.48 -4.38 0.05
N VAL B 366 -21.65 -4.21 1.36
CA VAL B 366 -21.47 -2.91 2.01
C VAL B 366 -20.15 -2.28 1.57
N SER B 367 -19.08 -3.09 1.62
CA SER B 367 -17.76 -2.62 1.22
C SER B 367 -17.80 -2.05 -0.21
N MET B 368 -18.30 -2.85 -1.14
CA MET B 368 -18.41 -2.43 -2.53
C MET B 368 -19.36 -1.24 -2.67
N ASP B 369 -20.41 -1.21 -1.85
CA ASP B 369 -21.35 -0.10 -1.93
C ASP B 369 -20.61 1.21 -1.73
N TRP B 370 -19.63 1.20 -0.83
CA TRP B 370 -18.87 2.41 -0.57
C TRP B 370 -17.91 2.73 -1.70
N LEU B 371 -17.16 1.72 -2.14
CA LEU B 371 -16.19 1.92 -3.22
C LEU B 371 -16.87 2.50 -4.46
N ARG B 372 -18.06 1.98 -4.75
CA ARG B 372 -18.83 2.42 -5.90
C ARG B 372 -19.09 3.92 -5.81
N LEU B 373 -19.06 4.46 -4.60
CA LEU B 373 -19.32 5.88 -4.37
C LEU B 373 -18.06 6.72 -4.23
N ARG B 374 -16.89 6.07 -4.19
CA ARG B 374 -15.64 6.81 -4.07
C ARG B 374 -14.71 6.43 -5.23
N PRO B 375 -14.99 6.96 -6.43
CA PRO B 375 -14.21 6.69 -7.65
C PRO B 375 -12.71 6.92 -7.51
N ARG B 376 -12.32 8.02 -6.88
CA ARG B 376 -10.92 8.33 -6.70
C ARG B 376 -10.17 7.30 -5.85
N VAL B 377 -10.90 6.56 -5.01
CA VAL B 377 -10.24 5.56 -4.18
C VAL B 377 -9.62 4.47 -5.04
N PHE B 378 -10.18 4.23 -6.22
CA PHE B 378 -9.62 3.23 -7.11
C PHE B 378 -8.27 3.64 -7.71
N GLN B 379 -7.84 4.86 -7.43
CA GLN B 379 -6.57 5.37 -7.93
C GLN B 379 -5.55 5.49 -6.81
N GLU B 380 -6.00 5.23 -5.59
CA GLU B 380 -5.14 5.29 -4.42
C GLU B 380 -4.04 4.23 -4.53
N ALA B 381 -2.84 4.60 -4.07
CA ALA B 381 -1.70 3.70 -4.13
C ALA B 381 -1.97 2.37 -3.44
N VAL B 382 -2.41 2.45 -2.19
CA VAL B 382 -2.67 1.25 -1.44
C VAL B 382 -3.74 0.40 -2.12
N VAL B 383 -4.52 1.02 -3.01
CA VAL B 383 -5.54 0.27 -3.72
C VAL B 383 -4.95 -0.36 -4.97
N ASP B 384 -4.13 0.40 -5.69
CA ASP B 384 -3.46 -0.11 -6.90
C ASP B 384 -2.56 -1.27 -6.49
N GLU B 385 -2.00 -1.14 -5.29
CA GLU B 385 -1.10 -2.13 -4.71
C GLU B 385 -1.77 -3.48 -4.60
N ARG B 386 -3.06 -3.45 -4.29
CA ARG B 386 -3.84 -4.66 -4.08
C ARG B 386 -4.82 -5.04 -5.18
N GLN B 387 -4.53 -4.70 -6.43
CA GLN B 387 -5.52 -5.08 -7.44
C GLN B 387 -5.56 -6.57 -7.75
N TYR B 388 -4.88 -7.36 -6.91
CA TYR B 388 -4.89 -8.82 -7.08
C TYR B 388 -6.12 -9.42 -6.37
N ILE B 389 -6.94 -8.58 -5.75
CA ILE B 389 -8.13 -9.07 -5.07
C ILE B 389 -9.27 -9.22 -6.07
N TRP B 390 -9.21 -8.45 -7.15
CA TRP B 390 -10.27 -8.47 -8.12
C TRP B 390 -10.55 -9.86 -8.70
N PRO B 391 -9.50 -10.63 -8.99
CA PRO B 391 -9.78 -11.95 -9.52
C PRO B 391 -10.65 -12.76 -8.55
N TRP B 392 -10.47 -12.53 -7.25
CA TRP B 392 -11.27 -13.26 -6.27
C TRP B 392 -12.73 -12.80 -6.31
N LEU B 393 -12.95 -11.53 -6.63
CA LEU B 393 -14.31 -11.00 -6.72
C LEU B 393 -14.97 -11.56 -8.00
N ILE B 394 -14.17 -11.69 -9.06
CA ILE B 394 -14.67 -12.22 -10.32
C ILE B 394 -15.18 -13.65 -10.10
N SER B 395 -14.39 -14.49 -9.44
CA SER B 395 -14.82 -15.85 -9.19
C SER B 395 -16.15 -15.83 -8.44
N LEU B 396 -16.21 -15.03 -7.39
CA LEU B 396 -17.42 -14.92 -6.58
C LEU B 396 -18.63 -14.56 -7.43
N LEU B 397 -18.54 -13.49 -8.19
CA LEU B 397 -19.65 -13.08 -9.04
C LEU B 397 -20.02 -14.18 -10.03
N ASN B 398 -19.05 -14.73 -10.76
CA ASN B 398 -19.39 -15.77 -11.73
C ASN B 398 -20.04 -16.98 -11.03
N SER B 399 -19.74 -17.12 -9.75
CA SER B 399 -20.30 -18.22 -8.97
C SER B 399 -21.83 -18.08 -8.87
N PHE B 400 -22.32 -16.87 -9.14
CA PHE B 400 -23.74 -16.59 -9.06
C PHE B 400 -24.46 -16.85 -10.39
N HIS B 401 -23.78 -17.50 -11.32
CA HIS B 401 -24.35 -17.79 -12.63
C HIS B 401 -25.08 -16.57 -13.17
N PRO B 402 -24.38 -15.42 -13.24
CA PRO B 402 -24.90 -14.13 -13.70
C PRO B 402 -25.60 -14.13 -15.05
N HIS B 403 -26.72 -13.41 -15.11
CA HIS B 403 -27.49 -13.28 -16.33
C HIS B 403 -27.79 -11.79 -16.45
N GLU B 404 -28.21 -11.33 -17.63
CA GLU B 404 -28.44 -9.91 -17.83
C GLU B 404 -29.61 -9.28 -17.07
N GLU B 405 -30.62 -10.08 -16.74
CA GLU B 405 -31.78 -9.57 -16.01
C GLU B 405 -31.37 -8.96 -14.67
N ASP B 406 -30.28 -9.49 -14.09
CA ASP B 406 -29.77 -9.00 -12.82
C ASP B 406 -29.38 -7.54 -12.88
N LEU B 407 -28.78 -7.15 -14.01
CA LEU B 407 -28.34 -5.79 -14.21
C LEU B 407 -29.55 -4.94 -14.59
N SER B 408 -30.68 -5.62 -14.79
CA SER B 408 -31.90 -4.92 -15.21
C SER B 408 -33.01 -5.09 -14.19
N SER B 409 -33.19 -4.92 -13.11
CA SER B 409 -34.00 -4.35 -12.05
C SER B 409 -33.14 -3.82 -10.90
N ILE B 410 -33.47 -3.08 -10.05
CA ILE B 410 -33.13 -2.92 -8.65
C ILE B 410 -34.31 -3.34 -7.76
N SER B 411 -34.21 -4.44 -7.07
CA SER B 411 -35.26 -5.08 -6.30
C SER B 411 -36.10 -4.05 -5.55
N ALA B 412 -36.17 -3.13 -5.12
CA ALA B 412 -36.28 -2.09 -4.12
C ALA B 412 -36.36 -2.68 -2.73
N THR B 413 -36.82 -3.97 -2.69
CA THR B 413 -37.04 -4.66 -1.42
C THR B 413 -35.66 -4.71 -0.77
N PRO B 414 -35.51 -4.11 0.41
CA PRO B 414 -34.22 -4.10 1.11
C PRO B 414 -33.73 -5.43 1.65
N LEU B 415 -32.42 -5.46 1.91
CA LEU B 415 -31.77 -6.62 2.50
C LEU B 415 -31.68 -6.27 3.98
N PRO B 416 -31.42 -7.27 4.84
CA PRO B 416 -31.33 -6.93 6.26
C PRO B 416 -30.25 -5.89 6.53
N GLU B 417 -29.09 -6.06 5.89
CA GLU B 417 -27.98 -5.13 6.12
C GLU B 417 -28.26 -3.72 5.57
N GLU B 418 -29.32 -3.56 4.80
CA GLU B 418 -29.64 -2.22 4.28
C GLU B 418 -30.56 -1.54 5.28
N PHE B 419 -31.53 -2.30 5.80
CA PHE B 419 -32.44 -1.78 6.82
C PHE B 419 -31.65 -1.33 8.03
N GLU B 420 -30.66 -2.15 8.39
CA GLU B 420 -29.82 -1.90 9.56
C GLU B 420 -28.87 -0.72 9.46
N LEU B 421 -28.57 -0.30 8.23
CA LEU B 421 -27.62 0.78 8.04
C LEU B 421 -28.19 2.10 7.55
N GLN B 422 -29.52 2.22 7.54
CA GLN B 422 -30.15 3.45 7.10
C GLN B 422 -29.59 4.66 7.83
N GLY B 423 -29.33 5.73 7.08
CA GLY B 423 -28.81 6.95 7.65
C GLY B 423 -27.30 7.02 7.76
N PHE B 424 -26.61 5.91 7.55
CA PHE B 424 -25.16 5.93 7.65
C PHE B 424 -24.60 6.80 6.52
N LEU B 425 -23.89 7.86 6.90
CA LEU B 425 -23.34 8.83 5.96
C LEU B 425 -22.65 8.30 4.70
N ALA B 426 -21.54 7.58 4.88
CA ALA B 426 -20.79 7.03 3.74
C ALA B 426 -21.57 6.10 2.86
N LEU B 427 -22.71 5.62 3.34
CA LEU B 427 -23.51 4.65 2.57
C LEU B 427 -24.88 5.08 2.06
N ARG B 428 -25.33 6.26 2.48
CA ARG B 428 -26.65 6.76 2.08
C ARG B 428 -27.07 6.64 0.62
N PRO B 429 -26.28 7.20 -0.32
CA PRO B 429 -26.66 7.09 -1.72
C PRO B 429 -26.98 5.68 -2.18
N SER B 430 -26.38 4.70 -1.52
CA SER B 430 -26.60 3.30 -1.86
C SER B 430 -28.01 2.85 -1.51
N PHE B 431 -28.73 3.67 -0.76
CA PHE B 431 -30.11 3.34 -0.34
C PHE B 431 -31.17 4.09 -1.14
N ARG B 432 -30.76 5.16 -1.82
CA ARG B 432 -31.64 6.03 -2.59
C ARG B 432 -32.85 5.40 -3.32
N ASN B 433 -32.63 4.32 -4.05
CA ASN B 433 -33.74 3.70 -4.78
C ASN B 433 -34.41 2.55 -4.03
N LEU B 434 -34.19 2.50 -2.72
CA LEU B 434 -34.77 1.45 -1.91
C LEU B 434 -36.07 1.87 -1.20
N ASP B 435 -36.94 0.89 -0.96
CA ASP B 435 -38.23 1.14 -0.31
C ASP B 435 -38.28 0.39 1.04
N PHE B 436 -38.11 1.12 2.13
CA PHE B 436 -38.13 0.51 3.45
C PHE B 436 -39.51 0.46 4.08
N SER B 437 -40.53 0.26 3.28
CA SER B 437 -41.89 0.19 3.80
C SER B 437 -42.28 -1.28 3.81
N LYS B 438 -43.26 -1.60 2.96
CA LYS B 438 -43.83 -2.93 2.73
C LYS B 438 -45.16 -2.78 1.99
N LYS B 447 -39.85 -18.19 3.46
CA LYS B 447 -38.70 -18.19 2.56
C LYS B 447 -37.95 -16.86 2.65
N GLU B 448 -37.16 -16.71 3.71
CA GLU B 448 -36.36 -15.50 3.92
C GLU B 448 -35.01 -15.62 3.23
N GLY B 449 -34.61 -16.86 2.92
CA GLY B 449 -33.34 -17.11 2.25
C GLY B 449 -33.38 -16.78 0.76
N GLN B 450 -34.19 -15.77 0.41
CA GLN B 450 -34.33 -15.30 -0.96
C GLN B 450 -33.94 -13.83 -1.04
N GLN B 451 -33.14 -13.46 -0.05
CA GLN B 451 -32.56 -12.15 0.06
C GLN B 451 -31.13 -12.52 -0.28
N ARG B 452 -30.91 -13.83 -0.32
CA ARG B 452 -29.62 -14.40 -0.68
C ARG B 452 -29.42 -14.22 -2.19
N ARG B 453 -30.54 -14.16 -2.92
CA ARG B 453 -30.51 -14.01 -4.35
C ARG B 453 -30.60 -12.53 -4.73
N ILE B 454 -31.16 -11.72 -3.85
CA ILE B 454 -31.22 -10.29 -4.07
C ILE B 454 -29.79 -9.81 -3.84
N ARG B 455 -29.17 -10.35 -2.80
CA ARG B 455 -27.80 -9.97 -2.47
C ARG B 455 -26.87 -10.35 -3.61
N GLN B 456 -27.17 -11.46 -4.28
CA GLN B 456 -26.36 -11.88 -5.42
C GLN B 456 -26.53 -10.88 -6.53
N GLN B 457 -27.76 -10.40 -6.72
CA GLN B 457 -28.03 -9.42 -7.76
C GLN B 457 -27.35 -8.11 -7.40
N ARG B 458 -27.39 -7.75 -6.13
CA ARG B 458 -26.75 -6.52 -5.66
C ARG B 458 -25.27 -6.53 -6.02
N LEU B 459 -24.62 -7.67 -5.82
CA LEU B 459 -23.19 -7.82 -6.09
C LEU B 459 -22.89 -7.82 -7.60
N ILE B 460 -23.78 -8.44 -8.37
CA ILE B 460 -23.64 -8.50 -9.83
C ILE B 460 -23.69 -7.08 -10.39
N SER B 461 -24.62 -6.30 -9.87
CA SER B 461 -24.80 -4.93 -10.30
C SER B 461 -23.50 -4.18 -10.08
N ILE B 462 -22.89 -4.39 -8.92
CA ILE B 462 -21.62 -3.74 -8.58
C ILE B 462 -20.52 -4.20 -9.53
N GLY B 463 -20.53 -5.48 -9.84
CA GLY B 463 -19.53 -6.00 -10.75
C GLY B 463 -19.62 -5.28 -12.08
N LYS B 464 -20.84 -5.03 -12.53
CA LYS B 464 -21.07 -4.34 -13.80
C LYS B 464 -20.60 -2.91 -13.71
N TRP B 465 -20.82 -2.28 -12.57
CA TRP B 465 -20.39 -0.89 -12.39
C TRP B 465 -18.87 -0.74 -12.46
N ILE B 466 -18.15 -1.69 -11.87
CA ILE B 466 -16.69 -1.67 -11.87
C ILE B 466 -16.20 -1.89 -13.29
N ALA B 467 -16.90 -2.75 -14.02
CA ALA B 467 -16.55 -3.05 -15.39
C ALA B 467 -16.77 -1.81 -16.27
N ASP B 468 -17.80 -1.05 -15.98
CA ASP B 468 -18.08 0.15 -16.77
C ASP B 468 -17.35 1.40 -16.28
N ASN B 469 -16.84 1.39 -15.06
CA ASN B 469 -16.16 2.55 -14.51
C ASN B 469 -14.66 2.40 -14.26
N GLN B 470 -14.21 1.16 -14.13
CA GLN B 470 -12.80 0.88 -13.88
C GLN B 470 -12.47 -0.27 -14.82
N PRO B 471 -12.47 0.00 -16.13
CA PRO B 471 -12.19 -0.93 -17.25
C PRO B 471 -10.99 -1.85 -17.08
N ARG B 472 -9.88 -1.28 -16.63
CA ARG B 472 -8.64 -2.04 -16.45
C ARG B 472 -8.65 -2.98 -15.25
N LEU B 473 -9.68 -2.91 -14.41
CA LEU B 473 -9.76 -3.76 -13.24
C LEU B 473 -10.56 -5.02 -13.57
N ILE B 474 -11.74 -4.84 -14.17
CA ILE B 474 -12.57 -5.98 -14.54
C ILE B 474 -13.39 -5.70 -15.80
N GLN B 475 -13.82 -6.76 -16.47
CA GLN B 475 -14.64 -6.66 -17.68
C GLN B 475 -15.82 -7.61 -17.54
N CYS B 476 -16.84 -7.41 -18.37
CA CYS B 476 -18.04 -8.24 -18.32
C CYS B 476 -18.69 -8.34 -19.69
N GLU B 477 -18.64 -9.54 -20.29
CA GLU B 477 -19.25 -9.73 -21.60
C GLU B 477 -20.56 -10.51 -21.51
N ASN B 478 -21.55 -10.07 -22.28
CA ASN B 478 -22.86 -10.70 -22.30
C ASN B 478 -22.98 -11.72 -23.43
N GLU B 479 -23.09 -13.00 -23.09
CA GLU B 479 -23.25 -14.04 -24.08
C GLU B 479 -24.69 -13.90 -24.52
N VAL B 480 -25.50 -14.93 -24.30
CA VAL B 480 -26.91 -14.84 -24.63
C VAL B 480 -27.57 -14.69 -23.27
N GLY B 481 -27.52 -13.48 -22.73
CA GLY B 481 -28.08 -13.24 -21.42
C GLY B 481 -27.08 -13.66 -20.35
N LYS B 482 -26.43 -14.80 -20.57
CA LYS B 482 -25.46 -15.34 -19.63
C LYS B 482 -24.20 -14.49 -19.52
N LEU B 483 -24.12 -13.70 -18.46
CA LEU B 483 -22.97 -12.84 -18.20
C LEU B 483 -21.77 -13.63 -17.72
N LEU B 484 -20.58 -13.11 -17.97
CA LEU B 484 -19.34 -13.72 -17.53
C LEU B 484 -18.39 -12.59 -17.17
N PHE B 485 -17.91 -12.59 -15.93
CA PHE B 485 -16.99 -11.55 -15.50
C PHE B 485 -15.55 -11.89 -15.77
N ILE B 486 -14.79 -10.86 -16.13
CA ILE B 486 -13.39 -11.01 -16.50
C ILE B 486 -12.42 -9.94 -16.01
N THR B 487 -11.15 -10.31 -16.03
CA THR B 487 -10.07 -9.41 -15.68
C THR B 487 -8.81 -9.98 -16.32
N GLU B 488 -7.92 -9.11 -16.75
CA GLU B 488 -6.68 -9.58 -17.33
C GLU B 488 -5.68 -9.70 -16.18
N ILE B 489 -6.09 -9.23 -15.01
CA ILE B 489 -5.24 -9.31 -13.82
C ILE B 489 -5.10 -10.75 -13.40
N PRO B 490 -3.87 -11.28 -13.41
CA PRO B 490 -3.69 -12.68 -13.03
C PRO B 490 -4.00 -12.93 -11.57
N GLU B 491 -4.50 -14.13 -11.30
CA GLU B 491 -4.85 -14.52 -9.95
C GLU B 491 -3.59 -14.77 -9.14
N LEU B 492 -3.54 -14.21 -7.93
CA LEU B 492 -2.40 -14.40 -7.05
C LEU B 492 -2.48 -15.80 -6.43
N ILE B 493 -1.46 -16.61 -6.68
CA ILE B 493 -1.42 -17.97 -6.13
C ILE B 493 -0.15 -18.24 -5.33
N LEU B 494 -0.25 -18.11 -4.02
CA LEU B 494 0.88 -18.34 -3.13
C LEU B 494 1.19 -19.83 -3.01
N GLU B 495 2.23 -20.15 -2.26
CA GLU B 495 2.64 -21.53 -2.04
C GLU B 495 1.73 -22.20 -1.03
N ASP B 496 1.91 -23.51 -0.86
CA ASP B 496 1.12 -24.27 0.12
C ASP B 496 2.02 -24.73 1.29
N PRO B 497 1.52 -25.67 2.11
CA PRO B 497 2.32 -26.17 3.24
C PRO B 497 2.51 -27.68 3.27
S SO4 C . 30.41 -6.48 -31.75
O1 SO4 C . 29.64 -7.52 -31.07
O2 SO4 C . 31.41 -7.10 -32.63
O3 SO4 C . 31.12 -5.63 -30.76
O4 SO4 C . 29.52 -5.63 -32.55
S SO4 D . -30.77 9.13 31.41
O1 SO4 D . -30.04 7.98 31.97
O2 SO4 D . -29.87 9.93 30.57
O3 SO4 D . -31.26 9.95 32.53
O4 SO4 D . -31.90 8.65 30.58
S SO4 E . -31.51 9.87 6.00
O1 SO4 E . -30.48 9.85 7.06
O2 SO4 E . -30.92 10.36 4.75
O3 SO4 E . -32.60 10.76 6.40
O4 SO4 E . -32.04 8.51 5.81
#